data_8ZMD
#
_entry.id   8ZMD
#
_cell.length_a   1.00
_cell.length_b   1.00
_cell.length_c   1.00
_cell.angle_alpha   90.00
_cell.angle_beta   90.00
_cell.angle_gamma   90.00
#
_symmetry.space_group_name_H-M   'P 1'
#
loop_
_entity.id
_entity.type
_entity.pdbx_description
1 polymer 'engineered G alpha q'
2 polymer 'Guanine nucleotide-binding protein G(I)/G(S)/G(T) subunit beta-1'
3 polymer 'Guanine nucleotide-binding protein G(I)/G(S)/G(O) subunit gamma-2'
4 polymer 'Proteinase-activated receptor 2'
#
loop_
_entity_poly.entity_id
_entity_poly.type
_entity_poly.pdbx_seq_one_letter_code
_entity_poly.pdbx_strand_id
1 'polypeptide(L)'
;MMGCTLSAEDKAAVERSKMIEKQLQKDKQVYRRTLRLLLLGADNSGKSTIVKQMRIYHVNGYSEEECKQYKAVVYSNTIQ
SIIAIIRAMGRLKIDFGDSARADDARQLFVLAGAAEEGFMTAELAGVIKRLWKDSGVQACFNRSREYQLNDSAAYYLNDL
DRIAQPNYIPTQQDVLRTRVKTSGIFETKFQVDKVNFHMFDVGAQRDERRKWIQCFNDVTAIIFVVDSSDYNRLQEALND
FKSIWNNRWLRTISVILFLNKQDLLAEKVLAGKSKIEDYFPEFARYTTPEDATPEPGEDPRVTRAKYFIRKEFVDISTAS
GDGRHICYPHFTCSVDTENARRIFNDCKDIILQMNLREYNLV
;
A
2 'polypeptide(L)'
;MGSLLQSELDQLRQEAEQLKNQIRDARKACADATLSQITNNIDPVGRIQMRTRRTLRGHLAKIYAMHWGTDSRLLVSASQ
DGKLIIWDSYTTNKVHAIPLRSSWVMTCAYAPSGNYVACGGLDNICSIYNLKTREGNVRVSRELAGHTGYLSCCRFLDDN
QIVTSSGDTTCALWDIETGQQTTTFTGHTGDVMSLSLAPDTRLFVSGACDASAKLWDVREGMCRQTFTGHESDINAICFF
PNGNAFATGSDDATCRLFDLRADQELMTYSHDNIICGITSVSFSKSGRLLLAGYDDFNCNVWDALKADRAGVLAGHDNRV
SCLGVTDDGMAVATGSWDSFLKIWN
;
B
3 'polypeptide(L)' MASNNTASIAQARKLVEQLKMEANIDRIKVSKAAADLMAYCEAHAKEDPLLTPVPASENPFREKKFFCAIL G
4 'polypeptide(L)'
;MRSPSAAWLLGAAILLAASLSCSGTIQGTNRSSKGRSLIGKVDGTSHVTGKGVTVETVFSVDEFSASVLTGKLTTVFLPI
VYTIVFVVGLPSNGMALWVFLFRTKKKHPAVIYMANLALADLLSVIWFPLKIAYHIHGNNWIYGEALCNVLIGFFYGNMY
CSILFMTCLSVQRYWVIVNPMGHSRKKANIAIGISLAIWLLILLVTIPLYVVKQTIFIPALNITTCHDVLPEQLLVGDMF
NYFLSLAIGVFLFPAFLTASAYVLMIRMLRSSAMDENSEKKRKRAIKLIVTVLAMYLICFTPSNLLLVVHYFLIKSQGQS
HVYALYIVALCLSTLNSCIDPFVYYFVSHDFRDHAKNALLCRSVRTVKQMQVSLTSKKHSRKSSSYSSSSTTVKTSY
;
R
#
# COMPACT_ATOMS: atom_id res chain seq x y z
N SER A 7 -15.25 -11.97 -35.04
CA SER A 7 -15.37 -13.41 -35.07
C SER A 7 -14.06 -14.01 -35.57
N ALA A 8 -13.83 -15.27 -35.21
CA ALA A 8 -12.66 -16.02 -35.63
C ALA A 8 -12.86 -17.48 -35.25
N GLU A 9 -11.83 -18.28 -35.49
CA GLU A 9 -11.84 -19.67 -35.05
C GLU A 9 -11.32 -19.85 -33.63
N ASP A 10 -10.86 -18.79 -33.00
CA ASP A 10 -10.28 -18.88 -31.66
C ASP A 10 -11.42 -19.04 -30.66
N LYS A 11 -11.65 -20.28 -30.22
CA LYS A 11 -12.73 -20.56 -29.28
C LYS A 11 -12.24 -20.77 -27.87
N ALA A 12 -11.00 -21.21 -27.69
CA ALA A 12 -10.43 -21.27 -26.35
C ALA A 12 -10.23 -19.87 -25.77
N ALA A 13 -10.23 -18.84 -26.62
CA ALA A 13 -9.95 -17.49 -26.17
C ALA A 13 -10.99 -16.98 -25.18
N VAL A 14 -12.13 -17.64 -25.10
CA VAL A 14 -13.10 -17.39 -24.05
C VAL A 14 -13.13 -18.52 -23.03
N GLU A 15 -12.99 -19.77 -23.49
CA GLU A 15 -13.12 -20.90 -22.59
C GLU A 15 -12.03 -20.90 -21.52
N ARG A 16 -10.77 -20.81 -21.94
CA ARG A 16 -9.68 -20.85 -20.98
C ARG A 16 -9.73 -19.67 -20.03
N SER A 17 -10.01 -18.48 -20.55
CA SER A 17 -10.08 -17.30 -19.69
C SER A 17 -11.17 -17.45 -18.65
N LYS A 18 -12.35 -17.95 -19.05
CA LYS A 18 -13.44 -18.10 -18.09
C LYS A 18 -13.11 -19.14 -17.02
N MET A 19 -12.55 -20.29 -17.43
CA MET A 19 -12.20 -21.30 -16.44
C MET A 19 -11.18 -20.77 -15.44
N ILE A 20 -10.16 -20.07 -15.94
CA ILE A 20 -9.10 -19.59 -15.05
C ILE A 20 -9.65 -18.51 -14.12
N GLU A 21 -10.53 -17.65 -14.62
CA GLU A 21 -11.13 -16.63 -13.77
C GLU A 21 -11.96 -17.27 -12.65
N LYS A 22 -12.71 -18.32 -12.97
CA LYS A 22 -13.48 -19.00 -11.93
C LYS A 22 -12.56 -19.56 -10.85
N GLN A 23 -11.47 -20.22 -11.27
CA GLN A 23 -10.56 -20.82 -10.30
C GLN A 23 -9.94 -19.75 -9.40
N LEU A 24 -9.51 -18.64 -9.99
CA LEU A 24 -8.91 -17.58 -9.17
C LEU A 24 -9.92 -16.93 -8.23
N GLN A 25 -11.18 -16.82 -8.64
CA GLN A 25 -12.17 -16.28 -7.71
C GLN A 25 -12.36 -17.18 -6.49
N LYS A 26 -12.46 -18.49 -6.73
CA LYS A 26 -12.56 -19.41 -5.60
C LYS A 26 -11.33 -19.33 -4.70
N ASP A 27 -10.15 -19.25 -5.30
CA ASP A 27 -8.93 -19.16 -4.51
C ASP A 27 -8.86 -17.87 -3.71
N LYS A 28 -9.33 -16.76 -4.28
CA LYS A 28 -9.35 -15.50 -3.54
C LYS A 28 -10.24 -15.59 -2.32
N GLN A 29 -11.42 -16.19 -2.48
CA GLN A 29 -12.32 -16.30 -1.33
C GLN A 29 -11.75 -17.22 -0.26
N VAL A 30 -10.99 -18.25 -0.65
CA VAL A 30 -10.35 -19.09 0.36
C VAL A 30 -9.23 -18.33 1.05
N TYR A 31 -8.46 -17.55 0.29
CA TYR A 31 -7.24 -16.93 0.79
C TYR A 31 -7.53 -15.80 1.76
N ARG A 32 -8.49 -14.92 1.42
CA ARG A 32 -8.63 -13.69 2.20
C ARG A 32 -9.17 -13.90 3.60
N ARG A 33 -9.52 -15.12 3.99
CA ARG A 33 -10.08 -15.39 5.31
C ARG A 33 -9.10 -16.08 6.26
N THR A 34 -7.81 -16.06 5.96
CA THR A 34 -6.80 -16.69 6.81
C THR A 34 -5.89 -15.63 7.40
N LEU A 35 -5.33 -15.93 8.58
CA LEU A 35 -4.37 -15.03 9.19
C LEU A 35 -3.00 -15.68 9.22
N ARG A 36 -1.96 -14.86 9.06
CA ARG A 36 -0.59 -15.33 8.88
C ARG A 36 0.34 -14.70 9.90
N LEU A 37 1.13 -15.52 10.58
CA LEU A 37 1.98 -15.08 11.69
C LEU A 37 3.41 -15.55 11.48
N LEU A 38 4.37 -14.74 11.91
CA LEU A 38 5.79 -15.11 11.82
C LEU A 38 6.36 -15.34 13.22
N LEU A 39 7.05 -16.46 13.42
CA LEU A 39 7.55 -16.82 14.75
C LEU A 39 9.07 -16.69 14.80
N LEU A 40 9.58 -15.93 15.77
CA LEU A 40 11.01 -15.76 15.96
C LEU A 40 11.43 -16.04 17.40
N GLY A 41 12.68 -16.43 17.54
CA GLY A 41 13.25 -16.75 18.83
C GLY A 41 14.71 -17.09 18.67
N ALA A 42 15.32 -17.47 19.78
CA ALA A 42 16.72 -17.89 19.75
C ALA A 42 16.82 -19.41 19.86
N ASP A 43 18.05 -19.89 20.00
CA ASP A 43 18.27 -21.33 20.06
C ASP A 43 17.79 -21.95 21.36
N ASN A 44 18.03 -21.29 22.50
CA ASN A 44 17.66 -21.82 23.81
C ASN A 44 16.25 -21.43 24.21
N SER A 45 15.55 -20.66 23.39
CA SER A 45 14.14 -20.42 23.59
C SER A 45 13.36 -21.70 23.35
N GLY A 46 12.15 -21.76 23.90
CA GLY A 46 11.36 -22.97 23.77
C GLY A 46 10.29 -22.87 22.71
N LYS A 47 10.64 -22.30 21.55
CA LYS A 47 9.64 -22.12 20.50
C LYS A 47 9.16 -23.45 19.94
N SER A 48 10.03 -24.44 19.86
CA SER A 48 9.64 -25.75 19.36
C SER A 48 8.60 -26.42 20.25
N THR A 49 8.75 -26.33 21.58
CA THR A 49 7.79 -26.92 22.49
C THR A 49 6.42 -26.23 22.36
N ILE A 50 6.42 -24.91 22.27
CA ILE A 50 5.17 -24.19 22.04
C ILE A 50 4.51 -24.65 20.75
N VAL A 51 5.30 -24.79 19.67
CA VAL A 51 4.75 -25.22 18.39
C VAL A 51 4.13 -26.60 18.53
N LYS A 52 4.84 -27.52 19.17
CA LYS A 52 4.31 -28.87 19.36
C LYS A 52 3.05 -28.86 20.22
N GLN A 53 2.95 -27.92 21.17
CA GLN A 53 1.79 -27.89 22.04
C GLN A 53 0.54 -27.39 21.33
N MET A 54 0.61 -26.31 20.56
CA MET A 54 -0.58 -26.03 19.77
C MET A 54 -0.53 -26.64 18.38
N ARG A 55 0.23 -27.73 18.19
CA ARG A 55 0.08 -28.50 16.95
C ARG A 55 -1.35 -28.98 16.78
N ILE A 56 -2.02 -29.32 17.88
CA ILE A 56 -3.39 -29.80 17.87
C ILE A 56 -4.21 -28.86 18.75
N SER A 183 16.55 -28.10 4.94
CA SER A 183 15.24 -27.73 4.40
C SER A 183 15.13 -26.21 4.33
N GLY A 184 13.94 -25.72 4.06
CA GLY A 184 13.71 -24.29 4.00
C GLY A 184 13.08 -23.73 5.25
N ILE A 185 11.77 -23.50 5.21
CA ILE A 185 11.04 -22.97 6.35
C ILE A 185 9.93 -23.94 6.72
N PHE A 186 9.71 -24.09 8.01
CA PHE A 186 8.67 -24.96 8.53
C PHE A 186 7.36 -24.19 8.66
N GLU A 187 6.27 -24.93 8.63
CA GLU A 187 4.94 -24.36 8.45
C GLU A 187 3.94 -25.14 9.29
N THR A 188 3.06 -24.41 9.98
CA THR A 188 2.01 -25.07 10.75
C THR A 188 0.69 -24.34 10.57
N LYS A 189 -0.40 -25.08 10.80
CA LYS A 189 -1.75 -24.56 10.68
C LYS A 189 -2.54 -24.94 11.92
N PHE A 190 -3.37 -24.01 12.40
CA PHE A 190 -4.33 -24.38 13.43
C PHE A 190 -5.60 -23.57 13.24
N GLN A 191 -6.64 -23.94 14.00
CA GLN A 191 -7.96 -23.35 13.85
C GLN A 191 -8.54 -23.08 15.23
N VAL A 192 -9.02 -21.86 15.44
CA VAL A 192 -9.65 -21.48 16.70
C VAL A 192 -10.97 -20.79 16.39
N ASP A 193 -12.07 -21.33 16.94
CA ASP A 193 -13.41 -20.74 16.79
C ASP A 193 -13.74 -20.46 15.33
N LYS A 194 -13.46 -21.41 14.47
CA LYS A 194 -13.68 -21.33 13.03
C LYS A 194 -12.91 -20.18 12.38
N VAL A 195 -11.70 -19.89 12.84
CA VAL A 195 -10.79 -18.98 12.15
C VAL A 195 -9.46 -19.70 11.98
N ASN A 196 -8.84 -19.55 10.82
CA ASN A 196 -7.67 -20.32 10.45
C ASN A 196 -6.39 -19.49 10.57
N PHE A 197 -5.42 -20.02 11.31
CA PHE A 197 -4.12 -19.40 11.51
C PHE A 197 -3.05 -20.23 10.83
N HIS A 198 -2.08 -19.53 10.24
CA HIS A 198 -1.02 -20.10 9.41
C HIS A 198 0.28 -19.48 9.88
N MET A 199 1.17 -20.31 10.46
CA MET A 199 2.32 -19.79 11.18
C MET A 199 3.62 -20.33 10.59
N PHE A 200 4.62 -19.44 10.48
CA PHE A 200 5.85 -19.73 9.75
C PHE A 200 7.06 -19.66 10.67
N ASP A 201 7.88 -20.70 10.62
CA ASP A 201 9.10 -20.83 11.42
C ASP A 201 10.28 -20.88 10.47
N VAL A 202 11.32 -20.07 10.75
CA VAL A 202 12.46 -20.00 9.86
C VAL A 202 13.46 -21.10 10.24
N GLY A 203 13.84 -21.90 9.25
CA GLY A 203 14.61 -23.09 9.49
C GLY A 203 16.07 -23.03 9.08
N ALA A 204 16.47 -23.90 8.16
CA ALA A 204 17.88 -24.08 7.81
C ALA A 204 18.35 -22.93 6.90
N GLN A 205 18.70 -21.83 7.54
CA GLN A 205 19.26 -20.67 6.88
C GLN A 205 20.60 -20.32 7.50
N ARG A 206 21.24 -19.28 6.97
CA ARG A 206 22.46 -18.78 7.56
C ARG A 206 22.15 -17.79 8.67
N ASP A 207 23.21 -17.27 9.29
CA ASP A 207 23.04 -16.39 10.45
C ASP A 207 22.57 -14.99 10.07
N GLU A 208 22.87 -14.53 8.87
CA GLU A 208 22.52 -13.16 8.48
C GLU A 208 21.17 -13.14 7.79
N ARG A 209 20.27 -12.28 8.27
CA ARG A 209 18.88 -12.31 7.83
C ARG A 209 18.38 -10.96 7.31
N ARG A 210 19.27 -10.03 7.01
CA ARG A 210 18.80 -8.71 6.64
C ARG A 210 18.19 -8.65 5.24
N LYS A 211 18.26 -9.73 4.47
CA LYS A 211 17.81 -9.70 3.09
C LYS A 211 16.49 -10.39 2.86
N TRP A 212 16.17 -11.47 3.58
CA TRP A 212 14.89 -12.14 3.40
C TRP A 212 13.86 -11.77 4.46
N ILE A 213 14.15 -10.81 5.33
CA ILE A 213 13.13 -10.34 6.26
C ILE A 213 12.19 -9.37 5.57
N GLN A 214 12.51 -8.99 4.33
CA GLN A 214 11.66 -8.08 3.57
C GLN A 214 10.51 -8.79 2.91
N CYS A 215 10.50 -10.12 2.91
CA CYS A 215 9.41 -10.90 2.34
C CYS A 215 8.26 -11.11 3.30
N PHE A 216 8.26 -10.43 4.43
CA PHE A 216 7.23 -10.59 5.46
C PHE A 216 6.58 -9.27 5.81
N ASN A 217 6.23 -8.48 4.80
CA ASN A 217 5.73 -7.14 5.02
C ASN A 217 4.20 -7.12 5.06
N ASP A 218 3.55 -8.27 4.91
CA ASP A 218 2.10 -8.33 4.84
C ASP A 218 1.51 -9.29 5.88
N VAL A 219 2.21 -9.52 6.98
CA VAL A 219 1.73 -10.40 8.04
C VAL A 219 1.10 -9.55 9.13
N THR A 220 0.30 -10.21 9.96
CA THR A 220 -0.40 -9.51 11.03
C THR A 220 0.42 -9.40 12.30
N ALA A 221 1.13 -10.44 12.72
CA ALA A 221 1.81 -10.39 14.00
C ALA A 221 3.15 -11.12 13.93
N ILE A 222 4.11 -10.57 14.67
CA ILE A 222 5.38 -11.23 14.93
C ILE A 222 5.35 -11.77 16.36
N ILE A 223 5.55 -13.06 16.51
CA ILE A 223 5.55 -13.71 17.81
C ILE A 223 6.99 -13.91 18.24
N PHE A 224 7.40 -13.20 19.29
CA PHE A 224 8.79 -13.18 19.74
C PHE A 224 8.90 -13.94 21.05
N VAL A 225 9.67 -15.02 21.05
CA VAL A 225 9.81 -15.89 22.22
C VAL A 225 11.22 -15.71 22.79
N VAL A 226 11.31 -15.31 24.05
CA VAL A 226 12.60 -14.97 24.66
C VAL A 226 12.77 -15.72 25.96
N ASP A 227 14.00 -16.15 26.22
CA ASP A 227 14.30 -16.88 27.45
C ASP A 227 14.27 -15.90 28.62
N SER A 228 14.03 -16.44 29.81
CA SER A 228 13.88 -15.61 30.99
C SER A 228 14.71 -16.05 32.18
N SER A 229 15.48 -17.13 32.08
CA SER A 229 16.26 -17.62 33.20
C SER A 229 17.74 -17.78 32.88
N ASP A 230 18.31 -16.95 32.01
CA ASP A 230 19.69 -17.15 31.58
C ASP A 230 20.63 -16.08 32.13
N TYR A 231 20.20 -14.83 32.09
CA TYR A 231 20.93 -13.68 32.63
C TYR A 231 22.16 -13.30 31.82
N ASN A 232 22.55 -14.14 30.85
CA ASN A 232 23.76 -13.84 30.09
C ASN A 232 23.43 -13.35 28.69
N ARG A 233 22.68 -14.13 27.93
CA ARG A 233 22.30 -13.77 26.58
C ARG A 233 21.07 -12.88 26.55
N LEU A 234 20.67 -12.33 27.69
CA LEU A 234 19.50 -11.48 27.75
C LEU A 234 19.72 -10.16 27.02
N GLN A 235 20.91 -9.58 27.15
CA GLN A 235 21.20 -8.32 26.49
C GLN A 235 21.13 -8.43 24.97
N GLU A 236 21.65 -9.53 24.41
CA GLU A 236 21.50 -9.76 22.97
C GLU A 236 20.03 -9.85 22.59
N ALA A 237 19.20 -10.44 23.46
CA ALA A 237 17.78 -10.50 23.19
C ALA A 237 17.17 -9.10 23.11
N LEU A 238 17.50 -8.24 24.08
CA LEU A 238 16.98 -6.87 24.01
C LEU A 238 17.45 -6.17 22.75
N ASN A 239 18.71 -6.37 22.37
CA ASN A 239 19.23 -5.67 21.20
C ASN A 239 18.56 -6.14 19.92
N ASP A 240 18.31 -7.45 19.81
CA ASP A 240 17.58 -7.95 18.64
C ASP A 240 16.16 -7.39 18.60
N PHE A 241 15.52 -7.28 19.77
CA PHE A 241 14.19 -6.69 19.82
C PHE A 241 14.22 -5.25 19.32
N LYS A 242 15.22 -4.49 19.75
CA LYS A 242 15.36 -3.12 19.27
C LYS A 242 15.55 -3.07 17.77
N SER A 243 16.35 -3.99 17.24
CA SER A 243 16.60 -4.00 15.80
C SER A 243 15.34 -4.31 15.01
N ILE A 244 14.50 -5.23 15.51
CA ILE A 244 13.30 -5.60 14.76
C ILE A 244 12.18 -4.60 15.00
N TRP A 245 12.34 -3.73 16.00
CA TRP A 245 11.31 -2.73 16.26
C TRP A 245 11.43 -1.53 15.33
N ASN A 246 12.65 -1.16 14.96
CA ASN A 246 12.90 0.07 14.21
C ASN A 246 13.24 -0.16 12.74
N ASN A 247 13.06 -1.37 12.23
CA ASN A 247 13.36 -1.64 10.83
C ASN A 247 12.37 -0.87 9.95
N ARG A 248 12.78 -0.54 8.74
CA ARG A 248 11.98 0.34 7.89
C ARG A 248 10.79 -0.38 7.26
N TRP A 249 10.93 -1.65 6.90
CA TRP A 249 9.85 -2.36 6.24
C TRP A 249 8.85 -2.98 7.22
N LEU A 250 9.09 -2.83 8.52
CA LEU A 250 8.24 -3.40 9.55
C LEU A 250 7.76 -2.35 10.54
N ARG A 251 7.33 -1.18 10.06
CA ARG A 251 6.86 -0.11 10.93
C ARG A 251 5.34 -0.08 11.06
N THR A 252 4.64 -1.08 10.54
CA THR A 252 3.20 -1.20 10.73
C THR A 252 2.78 -2.58 11.21
N ILE A 253 3.67 -3.30 11.87
CA ILE A 253 3.42 -4.67 12.34
C ILE A 253 3.62 -4.71 13.84
N SER A 254 2.75 -5.44 14.54
CA SER A 254 2.81 -5.51 15.99
C SER A 254 3.47 -6.80 16.45
N VAL A 255 3.88 -6.79 17.72
CA VAL A 255 4.68 -7.86 18.30
C VAL A 255 3.96 -8.42 19.51
N ILE A 256 3.85 -9.75 19.56
CA ILE A 256 3.37 -10.45 20.75
C ILE A 256 4.57 -11.08 21.42
N LEU A 257 4.77 -10.79 22.69
CA LEU A 257 5.98 -11.16 23.41
C LEU A 257 5.65 -12.30 24.36
N PHE A 258 6.34 -13.42 24.20
CA PHE A 258 6.25 -14.54 25.13
C PHE A 258 7.56 -14.64 25.89
N LEU A 259 7.47 -14.69 27.22
CA LEU A 259 8.61 -14.91 28.09
C LEU A 259 8.49 -16.34 28.60
N ASN A 260 9.43 -17.19 28.23
CA ASN A 260 9.31 -18.61 28.46
C ASN A 260 10.10 -19.01 29.69
N LYS A 261 9.87 -20.23 30.15
CA LYS A 261 10.62 -20.84 31.24
C LYS A 261 10.52 -20.00 32.52
N GLN A 262 9.31 -19.92 33.08
CA GLN A 262 9.12 -19.15 34.30
C GLN A 262 9.45 -19.92 35.57
N ASP A 263 9.07 -21.19 35.65
CA ASP A 263 9.32 -21.94 36.87
C ASP A 263 10.82 -22.08 37.13
N LEU A 264 11.63 -22.19 36.08
CA LEU A 264 13.07 -22.11 36.27
C LEU A 264 13.48 -20.81 36.91
N LEU A 265 12.86 -19.69 36.51
CA LEU A 265 13.19 -18.41 37.12
C LEU A 265 12.84 -18.41 38.59
N ALA A 266 11.66 -18.94 38.93
CA ALA A 266 11.25 -18.99 40.32
C ALA A 266 12.22 -19.81 41.17
N GLU A 267 12.53 -21.03 40.71
CA GLU A 267 13.45 -21.88 41.45
C GLU A 267 14.82 -21.25 41.57
N LYS A 268 15.31 -20.64 40.50
CA LYS A 268 16.65 -20.06 40.53
C LYS A 268 16.73 -18.88 41.49
N VAL A 269 15.70 -18.02 41.50
CA VAL A 269 15.72 -16.89 42.42
C VAL A 269 15.61 -17.37 43.86
N LEU A 270 14.80 -18.41 44.11
CA LEU A 270 14.68 -18.93 45.46
C LEU A 270 15.97 -19.60 45.93
N ALA A 271 16.74 -20.16 45.00
CA ALA A 271 18.04 -20.72 45.37
C ALA A 271 18.99 -19.64 45.85
N GLY A 272 19.02 -18.51 45.16
CA GLY A 272 19.77 -17.36 45.64
C GLY A 272 21.26 -17.44 45.49
N LYS A 273 21.77 -18.32 44.62
CA LYS A 273 23.21 -18.43 44.42
C LYS A 273 23.75 -17.42 43.40
N SER A 274 22.89 -16.75 42.67
CA SER A 274 23.33 -15.78 41.67
C SER A 274 22.45 -14.54 41.77
N LYS A 275 23.10 -13.39 41.68
CA LYS A 275 22.43 -12.11 41.87
C LYS A 275 22.33 -11.38 40.54
N ILE A 276 21.12 -10.86 40.25
CA ILE A 276 20.90 -10.14 39.01
C ILE A 276 21.72 -8.85 38.96
N GLU A 277 22.21 -8.40 40.12
CA GLU A 277 22.94 -7.14 40.17
C GLU A 277 24.24 -7.17 39.38
N ASP A 278 24.80 -8.35 39.12
CA ASP A 278 26.05 -8.44 38.37
C ASP A 278 25.86 -8.13 36.89
N TYR A 279 24.62 -8.08 36.40
CA TYR A 279 24.35 -7.75 35.01
C TYR A 279 23.43 -6.55 34.82
N PHE A 280 22.50 -6.32 35.74
CA PHE A 280 21.68 -5.10 35.76
C PHE A 280 21.72 -4.53 37.17
N PRO A 281 22.74 -3.72 37.48
CA PRO A 281 22.82 -3.14 38.84
C PRO A 281 21.64 -2.28 39.22
N GLU A 282 20.94 -1.68 38.24
CA GLU A 282 19.81 -0.82 38.53
C GLU A 282 18.69 -1.53 39.25
N PHE A 283 18.67 -2.86 39.24
CA PHE A 283 17.69 -3.60 40.02
C PHE A 283 17.75 -3.24 41.49
N ALA A 284 18.91 -2.77 41.97
CA ALA A 284 19.03 -2.39 43.37
C ALA A 284 18.15 -1.20 43.73
N ARG A 285 17.64 -0.46 42.74
CA ARG A 285 16.77 0.68 43.00
C ARG A 285 15.31 0.41 42.64
N TYR A 286 14.92 -0.83 42.38
CA TYR A 286 13.59 -1.13 41.89
C TYR A 286 12.70 -1.64 43.01
N THR A 287 11.46 -1.14 43.05
CA THR A 287 10.47 -1.54 44.04
C THR A 287 9.17 -1.88 43.31
N THR A 288 8.40 -2.77 43.92
CA THR A 288 7.16 -3.24 43.31
C THR A 288 6.17 -2.10 43.18
N PRO A 289 5.52 -1.94 42.02
CA PRO A 289 4.49 -0.90 41.89
C PRO A 289 3.29 -1.20 42.77
N GLU A 290 2.58 -0.13 43.15
CA GLU A 290 1.44 -0.26 44.06
C GLU A 290 0.28 -1.03 43.45
N ASP A 291 0.15 -1.04 42.13
CA ASP A 291 -0.91 -1.76 41.45
C ASP A 291 -0.50 -3.19 41.11
N ALA A 292 0.31 -3.82 41.94
CA ALA A 292 0.74 -5.18 41.70
C ALA A 292 -0.45 -6.14 41.78
N THR A 293 -0.43 -7.17 40.94
CA THR A 293 -1.45 -8.20 40.91
C THR A 293 -0.77 -9.57 40.94
N PRO A 294 -0.19 -9.96 42.07
CA PRO A 294 0.45 -11.28 42.14
C PRO A 294 -0.56 -12.36 42.49
N GLU A 295 -0.36 -13.51 41.89
CA GLU A 295 -1.13 -14.68 42.28
C GLU A 295 -0.78 -15.08 43.70
N PRO A 296 -1.75 -15.45 44.53
CA PRO A 296 -1.44 -15.82 45.92
C PRO A 296 -0.48 -16.99 45.99
N GLY A 297 0.40 -16.95 47.00
CA GLY A 297 1.40 -17.97 47.21
C GLY A 297 2.79 -17.61 46.75
N GLU A 298 2.97 -16.44 46.12
CA GLU A 298 4.26 -16.07 45.60
C GLU A 298 4.96 -15.07 46.51
N ASP A 299 6.23 -15.31 46.77
CA ASP A 299 7.06 -14.37 47.51
C ASP A 299 7.15 -13.08 46.70
N PRO A 300 7.11 -11.91 47.34
CA PRO A 300 7.25 -10.66 46.59
C PRO A 300 8.56 -10.52 45.82
N ARG A 301 9.61 -11.24 46.21
CA ARG A 301 10.88 -11.13 45.51
C ARG A 301 10.80 -11.61 44.06
N VAL A 302 10.19 -12.77 43.83
CA VAL A 302 10.07 -13.27 42.48
C VAL A 302 9.17 -12.35 41.65
N THR A 303 8.13 -11.80 42.28
CA THR A 303 7.27 -10.85 41.59
C THR A 303 8.05 -9.62 41.15
N ARG A 304 8.89 -9.10 42.03
CA ARG A 304 9.74 -7.96 41.71
C ARG A 304 10.65 -8.27 40.51
N ALA A 305 11.26 -9.46 40.52
CA ALA A 305 12.13 -9.85 39.41
C ALA A 305 11.36 -9.91 38.10
N LYS A 306 10.21 -10.57 38.11
CA LYS A 306 9.39 -10.69 36.91
C LYS A 306 9.04 -9.32 36.35
N TYR A 307 8.58 -8.42 37.21
CA TYR A 307 8.11 -7.13 36.73
C TYR A 307 9.26 -6.28 36.22
N PHE A 308 10.45 -6.40 36.81
CA PHE A 308 11.60 -5.66 36.28
C PHE A 308 11.95 -6.13 34.86
N ILE A 309 11.98 -7.46 34.67
CA ILE A 309 12.31 -8.00 33.36
C ILE A 309 11.28 -7.53 32.33
N ARG A 310 10.00 -7.51 32.71
CA ARG A 310 8.97 -6.99 31.80
C ARG A 310 9.19 -5.51 31.50
N LYS A 311 9.58 -4.74 32.51
CA LYS A 311 9.67 -3.30 32.36
C LYS A 311 10.73 -2.90 31.35
N GLU A 312 11.86 -3.62 31.33
CA GLU A 312 12.88 -3.30 30.34
C GLU A 312 12.33 -3.34 28.92
N PHE A 313 11.67 -4.44 28.56
CA PHE A 313 11.12 -4.57 27.22
C PHE A 313 10.06 -3.51 26.95
N VAL A 314 9.19 -3.25 27.92
CA VAL A 314 8.12 -2.28 27.66
C VAL A 314 8.68 -0.89 27.43
N ASP A 315 9.72 -0.50 28.18
CA ASP A 315 10.33 0.80 27.97
C ASP A 315 10.99 0.89 26.60
N ILE A 316 11.73 -0.14 26.20
CA ILE A 316 12.31 -0.12 24.86
C ILE A 316 11.22 -0.08 23.80
N SER A 317 10.05 -0.64 24.10
CA SER A 317 8.95 -0.63 23.15
C SER A 317 8.37 0.77 22.97
N THR A 318 8.13 1.47 24.09
CA THR A 318 7.49 2.78 24.00
C THR A 318 8.47 3.91 23.74
N ALA A 319 9.78 3.63 23.73
CA ALA A 319 10.77 4.69 23.56
C ALA A 319 10.53 5.52 22.30
N SER A 320 10.13 4.89 21.20
CA SER A 320 9.96 5.66 19.95
C SER A 320 8.82 6.66 20.07
N GLY A 321 7.72 6.28 20.71
CA GLY A 321 6.55 7.14 20.74
C GLY A 321 5.88 7.29 19.39
N ASP A 322 6.05 6.32 18.49
CA ASP A 322 5.53 6.41 17.14
C ASP A 322 4.01 6.35 17.09
N GLY A 323 3.39 5.58 17.97
CA GLY A 323 1.95 5.49 17.97
C GLY A 323 1.33 4.87 16.75
N ARG A 324 1.91 3.79 16.21
CA ARG A 324 1.32 3.07 15.09
C ARG A 324 1.22 1.58 15.35
N HIS A 325 1.88 1.05 16.36
CA HIS A 325 1.83 -0.37 16.69
C HIS A 325 2.13 -0.57 18.17
N ILE A 326 1.79 -1.75 18.68
CA ILE A 326 1.71 -2.00 20.12
C ILE A 326 2.45 -3.29 20.43
N CYS A 327 2.86 -3.46 21.70
CA CYS A 327 3.48 -4.68 22.19
C CYS A 327 2.62 -5.29 23.30
N TYR A 328 2.40 -6.61 23.23
CA TYR A 328 1.53 -7.34 24.16
C TYR A 328 2.33 -8.38 24.93
N PRO A 329 2.64 -8.14 26.20
CA PRO A 329 3.44 -9.12 26.96
C PRO A 329 2.59 -10.18 27.65
N HIS A 330 3.19 -11.36 27.83
CA HIS A 330 2.60 -12.48 28.56
C HIS A 330 3.69 -13.29 29.23
N PHE A 331 3.31 -14.06 30.23
CA PHE A 331 4.19 -15.03 30.88
C PHE A 331 3.71 -16.43 30.54
N THR A 332 4.64 -17.35 30.30
CA THR A 332 4.26 -18.70 29.90
C THR A 332 5.32 -19.69 30.37
N CYS A 333 4.92 -20.95 30.41
CA CYS A 333 5.78 -22.03 30.91
C CYS A 333 5.86 -23.15 29.88
N SER A 334 6.47 -24.26 30.31
CA SER A 334 6.70 -25.37 29.40
C SER A 334 5.45 -26.19 29.14
N VAL A 335 4.51 -26.24 30.07
CA VAL A 335 3.28 -27.00 29.93
C VAL A 335 2.10 -26.08 30.17
N ASP A 336 1.45 -25.65 29.09
CA ASP A 336 0.30 -24.78 29.17
C ASP A 336 -0.50 -24.96 27.88
N THR A 337 -1.81 -24.76 27.98
CA THR A 337 -2.70 -25.03 26.85
C THR A 337 -3.56 -23.85 26.43
N GLU A 338 -3.31 -22.64 26.93
CA GLU A 338 -4.14 -21.49 26.60
C GLU A 338 -3.43 -20.48 25.71
N ASN A 339 -2.45 -20.90 24.92
CA ASN A 339 -1.70 -19.95 24.11
C ASN A 339 -2.49 -19.53 22.86
N ALA A 340 -3.24 -20.47 22.27
CA ALA A 340 -4.07 -20.13 21.13
C ALA A 340 -5.11 -19.07 21.47
N ARG A 341 -5.73 -19.16 22.66
CA ARG A 341 -6.71 -18.16 23.04
C ARG A 341 -6.08 -16.77 23.11
N ARG A 342 -4.87 -16.69 23.66
CA ARG A 342 -4.19 -15.41 23.75
C ARG A 342 -3.91 -14.84 22.37
N ILE A 343 -3.42 -15.68 21.45
CA ILE A 343 -3.13 -15.18 20.10
C ILE A 343 -4.40 -14.69 19.44
N PHE A 344 -5.51 -15.40 19.64
CA PHE A 344 -6.77 -15.01 19.03
C PHE A 344 -7.24 -13.65 19.55
N ASN A 345 -7.20 -13.45 20.87
CA ASN A 345 -7.65 -12.17 21.43
C ASN A 345 -6.80 -11.01 20.92
N ASP A 346 -5.48 -11.20 20.89
CA ASP A 346 -4.61 -10.12 20.43
C ASP A 346 -4.84 -9.81 18.96
N CYS A 347 -5.01 -10.82 18.12
CA CYS A 347 -5.28 -10.56 16.71
C CYS A 347 -6.59 -9.82 16.51
N LYS A 348 -7.61 -10.18 17.29
CA LYS A 348 -8.88 -9.46 17.22
C LYS A 348 -8.70 -7.98 17.54
N ASP A 349 -7.95 -7.67 18.59
CA ASP A 349 -7.70 -6.28 18.92
C ASP A 349 -6.93 -5.55 17.82
N ILE A 350 -5.94 -6.22 17.22
CA ILE A 350 -5.15 -5.58 16.17
C ILE A 350 -6.03 -5.21 14.99
N ILE A 351 -6.91 -6.13 14.58
CA ILE A 351 -7.82 -5.84 13.47
C ILE A 351 -8.74 -4.68 13.81
N LEU A 352 -9.22 -4.62 15.05
CA LEU A 352 -10.10 -3.51 15.41
C LEU A 352 -9.38 -2.17 15.31
N GLN A 353 -8.14 -2.09 15.78
CA GLN A 353 -7.42 -0.82 15.66
C GLN A 353 -7.19 -0.45 14.21
N MET A 354 -6.90 -1.44 13.36
CA MET A 354 -6.75 -1.15 11.93
C MET A 354 -8.02 -0.56 11.35
N ASN A 355 -9.18 -1.15 11.68
CA ASN A 355 -10.44 -0.63 11.17
C ASN A 355 -10.71 0.78 11.69
N LEU A 356 -10.42 1.06 12.96
CA LEU A 356 -10.62 2.42 13.46
C LEU A 356 -9.76 3.42 12.72
N ARG A 357 -8.51 3.07 12.43
CA ARG A 357 -7.66 3.97 11.66
C ARG A 357 -8.21 4.19 10.26
N GLU A 358 -8.79 3.15 9.65
CA GLU A 358 -9.13 3.22 8.24
C GLU A 358 -10.33 4.12 7.98
N TYR A 359 -11.27 4.20 8.93
CA TYR A 359 -12.52 4.92 8.73
C TYR A 359 -12.55 6.31 9.37
N ASN A 360 -11.42 7.00 9.46
CA ASN A 360 -11.36 8.40 9.92
C ASN A 360 -12.02 8.59 11.28
N LEU A 361 -12.12 7.53 12.07
CA LEU A 361 -12.74 7.65 13.39
C LEU A 361 -11.74 7.88 14.49
N VAL A 362 -10.45 7.68 14.24
CA VAL A 362 -9.41 7.90 15.23
C VAL A 362 -8.32 8.79 14.66
N GLU B 8 52.81 -18.98 8.52
CA GLU B 8 53.01 -17.89 9.47
C GLU B 8 52.01 -16.78 9.23
N LEU B 9 51.30 -16.86 8.09
CA LEU B 9 50.20 -15.97 7.74
C LEU B 9 50.71 -14.55 7.46
N ASP B 10 52.01 -14.33 7.60
CA ASP B 10 52.57 -13.02 7.29
C ASP B 10 53.03 -12.93 5.85
N GLN B 11 53.76 -13.94 5.38
CA GLN B 11 54.27 -13.93 4.01
C GLN B 11 53.15 -13.95 2.98
N LEU B 12 52.11 -14.74 3.21
CA LEU B 12 50.99 -14.78 2.29
C LEU B 12 50.26 -13.44 2.20
N ARG B 13 50.03 -12.79 3.34
CA ARG B 13 49.40 -11.47 3.31
C ARG B 13 50.29 -10.44 2.63
N GLN B 14 51.61 -10.51 2.85
CA GLN B 14 52.51 -9.60 2.17
C GLN B 14 52.46 -9.81 0.66
N GLU B 15 52.44 -11.06 0.21
CA GLU B 15 52.34 -11.35 -1.21
C GLU B 15 51.02 -10.85 -1.78
N ALA B 16 49.93 -11.02 -1.03
CA ALA B 16 48.64 -10.52 -1.48
C ALA B 16 48.64 -9.00 -1.61
N GLU B 17 49.25 -8.31 -0.64
CA GLU B 17 49.35 -6.85 -0.72
C GLU B 17 50.19 -6.42 -1.92
N GLN B 18 51.30 -7.10 -2.17
CA GLN B 18 52.13 -6.78 -3.32
C GLN B 18 51.37 -6.99 -4.63
N LEU B 19 50.64 -8.09 -4.73
CA LEU B 19 49.86 -8.35 -5.95
C LEU B 19 48.76 -7.31 -6.13
N LYS B 20 48.11 -6.91 -5.03
CA LYS B 20 47.08 -5.88 -5.13
C LYS B 20 47.69 -4.55 -5.57
N ASN B 21 48.88 -4.22 -5.06
CA ASN B 21 49.56 -3.00 -5.51
C ASN B 21 49.89 -3.07 -6.99
N GLN B 22 50.38 -4.22 -7.45
CA GLN B 22 50.68 -4.38 -8.87
C GLN B 22 49.43 -4.22 -9.73
N ILE B 23 48.32 -4.81 -9.30
CA ILE B 23 47.06 -4.68 -10.04
C ILE B 23 46.60 -3.23 -10.06
N ARG B 24 46.71 -2.54 -8.92
CA ARG B 24 46.32 -1.14 -8.86
C ARG B 24 47.17 -0.29 -9.81
N ASP B 25 48.48 -0.55 -9.84
CA ASP B 25 49.34 0.19 -10.76
C ASP B 25 48.97 -0.10 -12.20
N ALA B 26 48.67 -1.35 -12.52
CA ALA B 26 48.28 -1.70 -13.88
C ALA B 26 46.98 -1.00 -14.28
N ARG B 27 46.03 -0.92 -13.35
CA ARG B 27 44.76 -0.27 -13.65
C ARG B 27 44.92 1.25 -13.76
N LYS B 28 45.79 1.83 -12.95
CA LYS B 28 45.99 3.28 -13.01
C LYS B 28 46.84 3.67 -14.21
N ALA B 29 47.63 2.75 -14.75
CA ALA B 29 48.41 3.05 -15.94
C ALA B 29 47.52 3.24 -17.16
N CYS B 30 46.48 2.42 -17.30
CA CYS B 30 45.60 2.47 -18.46
C CYS B 30 44.53 3.55 -18.35
N ALA B 31 44.41 4.20 -17.20
CA ALA B 31 43.40 5.25 -17.01
C ALA B 31 43.93 6.58 -17.54
N ASP B 32 43.81 6.74 -18.86
CA ASP B 32 44.38 7.89 -19.56
C ASP B 32 43.41 9.05 -19.68
N ALA B 33 42.11 8.82 -19.57
CA ALA B 33 41.14 9.90 -19.73
C ALA B 33 39.79 9.45 -19.19
N THR B 34 38.87 10.40 -19.06
CA THR B 34 37.50 10.13 -18.69
C THR B 34 36.61 10.21 -19.93
N LEU B 35 35.67 9.28 -20.04
CA LEU B 35 34.86 9.15 -21.24
C LEU B 35 33.84 10.26 -21.38
N SER B 36 33.65 11.08 -20.34
CA SER B 36 32.83 12.28 -20.50
C SER B 36 33.49 13.32 -21.39
N GLN B 37 34.76 13.14 -21.74
CA GLN B 37 35.48 14.07 -22.60
C GLN B 37 35.42 13.69 -24.07
N ILE B 38 35.29 12.41 -24.40
CA ILE B 38 35.30 11.99 -25.80
C ILE B 38 33.90 11.53 -26.20
N THR B 39 32.93 11.79 -25.35
CA THR B 39 31.53 11.53 -25.66
C THR B 39 30.63 12.73 -25.40
N ASN B 40 31.20 13.94 -25.36
CA ASN B 40 30.44 15.15 -25.07
C ASN B 40 30.20 16.01 -26.31
N ASN B 41 30.36 15.46 -27.51
CA ASN B 41 30.10 16.19 -28.75
C ASN B 41 29.25 15.31 -29.67
N ILE B 42 28.20 14.72 -29.10
CA ILE B 42 27.27 13.88 -29.83
C ILE B 42 25.89 14.49 -29.74
N ASP B 43 25.02 14.10 -30.66
CA ASP B 43 23.69 14.67 -30.72
C ASP B 43 22.84 14.12 -29.58
N PRO B 44 22.34 14.95 -28.68
CA PRO B 44 21.51 14.44 -27.59
C PRO B 44 20.26 13.76 -28.09
N VAL B 45 19.85 12.71 -27.39
CA VAL B 45 18.71 11.92 -27.83
C VAL B 45 17.42 12.72 -27.81
N GLY B 46 17.22 13.58 -26.82
CA GLY B 46 16.04 14.41 -26.81
C GLY B 46 15.14 14.18 -25.62
N ARG B 47 13.84 14.04 -25.88
CA ARG B 47 12.85 13.80 -24.84
C ARG B 47 12.06 12.55 -25.20
N ILE B 48 12.06 11.57 -24.32
CA ILE B 48 11.43 10.28 -24.56
C ILE B 48 10.31 10.08 -23.55
N GLN B 49 9.08 9.96 -24.05
CA GLN B 49 7.91 9.79 -23.21
C GLN B 49 7.14 8.57 -23.68
N MET B 50 6.57 7.85 -22.71
CA MET B 50 5.87 6.61 -23.00
C MET B 50 4.55 6.59 -22.25
N ARG B 51 3.62 5.79 -22.76
CA ARG B 51 2.28 5.70 -22.18
C ARG B 51 1.85 4.24 -22.14
N THR B 52 1.01 3.94 -21.16
CA THR B 52 0.55 2.58 -20.96
C THR B 52 -0.34 2.15 -22.12
N ARG B 53 -0.07 0.96 -22.65
CA ARG B 53 -0.92 0.45 -23.71
C ARG B 53 -1.89 -0.61 -23.23
N ARG B 54 -1.61 -1.26 -22.10
CA ARG B 54 -2.44 -2.33 -21.58
C ARG B 54 -2.12 -2.53 -20.11
N THR B 55 -3.02 -3.21 -19.41
CA THR B 55 -2.86 -3.49 -17.99
C THR B 55 -3.50 -4.84 -17.68
N LEU B 56 -2.80 -5.66 -16.93
CA LEU B 56 -3.17 -7.04 -16.69
C LEU B 56 -3.50 -7.23 -15.22
N ARG B 57 -4.59 -7.93 -14.93
CA ARG B 57 -5.09 -8.08 -13.57
C ARG B 57 -5.29 -9.56 -13.25
N GLY B 58 -5.24 -9.89 -11.96
CA GLY B 58 -5.47 -11.26 -11.55
C GLY B 58 -4.66 -11.76 -10.36
N HIS B 59 -3.57 -11.08 -10.02
CA HIS B 59 -2.79 -11.51 -8.87
C HIS B 59 -3.38 -10.96 -7.59
N LEU B 60 -3.26 -11.73 -6.51
CA LEU B 60 -3.77 -11.34 -5.20
C LEU B 60 -2.73 -10.66 -4.33
N ALA B 61 -1.45 -10.76 -4.67
CA ALA B 61 -0.39 -10.27 -3.83
C ALA B 61 0.73 -9.73 -4.69
N LYS B 62 1.88 -9.52 -4.07
CA LYS B 62 3.01 -8.90 -4.76
C LYS B 62 3.55 -9.79 -5.87
N ILE B 63 4.05 -9.15 -6.92
CA ILE B 63 4.64 -9.87 -8.08
C ILE B 63 6.14 -9.89 -7.80
N TYR B 64 6.80 -11.04 -7.81
CA TYR B 64 8.24 -10.97 -7.51
C TYR B 64 9.11 -11.04 -8.77
N ALA B 65 8.71 -11.67 -9.88
CA ALA B 65 9.59 -11.69 -11.07
C ALA B 65 8.82 -11.94 -12.36
N MET B 66 9.46 -11.85 -13.53
CA MET B 66 8.83 -12.11 -14.82
C MET B 66 9.91 -12.26 -15.89
N HIS B 67 9.50 -12.76 -17.05
CA HIS B 67 10.40 -13.06 -18.14
C HIS B 67 9.63 -13.11 -19.46
N TRP B 68 10.27 -12.65 -20.52
CA TRP B 68 9.69 -12.70 -21.86
C TRP B 68 10.18 -13.92 -22.60
N GLY B 69 9.36 -14.42 -23.51
CA GLY B 69 9.71 -15.58 -24.29
C GLY B 69 10.52 -15.21 -25.50
N THR B 70 10.72 -16.19 -26.38
CA THR B 70 11.49 -15.98 -27.59
C THR B 70 10.63 -15.62 -28.79
N ASP B 71 9.33 -15.49 -28.63
CA ASP B 71 8.44 -15.08 -29.70
C ASP B 71 7.96 -13.65 -29.53
N SER B 72 8.35 -12.98 -28.45
CA SER B 72 7.91 -11.62 -28.15
C SER B 72 6.39 -11.54 -28.01
N ARG B 73 5.77 -12.67 -27.68
CA ARG B 73 4.33 -12.71 -27.53
C ARG B 73 3.88 -13.22 -26.16
N LEU B 74 4.52 -14.27 -25.66
CA LEU B 74 4.08 -14.97 -24.46
C LEU B 74 4.98 -14.64 -23.29
N LEU B 75 4.39 -14.48 -22.10
CA LEU B 75 5.20 -14.18 -20.92
C LEU B 75 4.72 -14.94 -19.70
N VAL B 76 5.58 -15.01 -18.68
CA VAL B 76 5.35 -15.74 -17.45
C VAL B 76 5.56 -14.81 -16.27
N SER B 77 4.75 -14.98 -15.23
CA SER B 77 4.88 -14.14 -14.04
C SER B 77 4.43 -14.92 -12.82
N ALA B 78 4.87 -14.48 -11.64
CA ALA B 78 4.64 -15.26 -10.44
C ALA B 78 4.64 -14.39 -9.19
N SER B 79 3.85 -14.85 -8.21
CA SER B 79 3.55 -14.03 -7.04
C SER B 79 3.68 -14.86 -5.77
N GLN B 80 3.51 -14.20 -4.63
CA GLN B 80 3.56 -14.84 -3.32
C GLN B 80 2.29 -15.57 -2.98
N ASP B 81 1.27 -15.46 -3.83
CA ASP B 81 0.08 -16.27 -3.73
C ASP B 81 0.38 -17.76 -3.89
N GLY B 82 1.52 -18.10 -4.46
CA GLY B 82 1.77 -19.44 -4.92
C GLY B 82 1.32 -19.69 -6.33
N LYS B 83 1.34 -18.66 -7.18
CA LYS B 83 0.76 -18.75 -8.52
C LYS B 83 1.78 -18.38 -9.58
N LEU B 84 1.83 -19.23 -10.61
CA LEU B 84 2.41 -18.93 -11.92
C LEU B 84 1.28 -18.66 -12.91
N ILE B 85 1.43 -17.60 -13.69
CA ILE B 85 0.46 -17.27 -14.74
C ILE B 85 1.21 -17.03 -16.04
N ILE B 86 0.73 -17.65 -17.11
CA ILE B 86 1.31 -17.53 -18.45
C ILE B 86 0.31 -16.81 -19.33
N TRP B 87 0.69 -15.59 -19.75
CA TRP B 87 -0.13 -14.65 -20.48
C TRP B 87 0.27 -14.58 -21.96
N ASP B 88 -0.70 -14.16 -22.77
CA ASP B 88 -0.47 -13.63 -24.10
C ASP B 88 -0.82 -12.15 -24.02
N SER B 89 0.11 -11.29 -24.45
CA SER B 89 -0.06 -9.86 -24.24
C SER B 89 -0.70 -9.15 -25.41
N TYR B 90 -0.97 -9.86 -26.50
CA TYR B 90 -1.71 -9.26 -27.61
C TYR B 90 -3.13 -8.90 -27.22
N THR B 91 -3.79 -9.76 -26.43
CA THR B 91 -5.22 -9.62 -26.14
C THR B 91 -5.58 -9.67 -24.67
N THR B 92 -4.62 -9.55 -23.76
CA THR B 92 -4.78 -9.58 -22.31
C THR B 92 -5.45 -10.86 -21.81
N ASN B 93 -5.49 -11.91 -22.61
CA ASN B 93 -6.16 -13.13 -22.20
C ASN B 93 -5.17 -14.12 -21.59
N LYS B 94 -5.66 -14.96 -20.68
CA LYS B 94 -4.82 -15.93 -20.03
C LYS B 94 -4.77 -17.23 -20.81
N VAL B 95 -3.63 -17.92 -20.70
CA VAL B 95 -3.46 -19.21 -21.33
C VAL B 95 -3.14 -20.30 -20.31
N HIS B 96 -2.32 -20.02 -19.30
CA HIS B 96 -2.05 -21.05 -18.30
C HIS B 96 -1.99 -20.47 -16.89
N ALA B 97 -2.33 -21.31 -15.92
CA ALA B 97 -2.12 -21.00 -14.51
C ALA B 97 -1.69 -22.27 -13.80
N ILE B 98 -0.64 -22.17 -12.99
CA ILE B 98 -0.04 -23.31 -12.32
C ILE B 98 0.06 -23.01 -10.83
N PRO B 99 -0.34 -23.92 -9.95
CA PRO B 99 -0.16 -23.70 -8.51
C PRO B 99 1.14 -24.29 -8.02
N LEU B 100 1.67 -23.67 -6.98
CA LEU B 100 2.96 -24.05 -6.42
C LEU B 100 2.77 -24.86 -5.14
N ARG B 101 3.80 -25.65 -4.82
CA ARG B 101 3.82 -26.43 -3.59
C ARG B 101 4.30 -25.63 -2.39
N SER B 102 4.92 -24.47 -2.61
CA SER B 102 5.32 -23.59 -1.53
C SER B 102 4.83 -22.19 -1.86
N SER B 103 4.73 -21.35 -0.83
CA SER B 103 4.17 -20.01 -1.00
C SER B 103 5.21 -18.91 -1.06
N TRP B 104 6.50 -19.24 -1.03
CA TRP B 104 7.55 -18.21 -1.12
C TRP B 104 8.46 -18.56 -2.29
N VAL B 105 8.31 -17.80 -3.36
CA VAL B 105 9.06 -18.04 -4.58
C VAL B 105 9.58 -16.70 -5.11
N MET B 106 10.82 -16.71 -5.62
CA MET B 106 11.59 -15.48 -5.83
C MET B 106 12.28 -15.40 -7.19
N THR B 107 12.07 -16.36 -8.10
CA THR B 107 12.67 -16.26 -9.42
C THR B 107 11.85 -17.06 -10.41
N CYS B 108 11.97 -16.70 -11.69
CA CYS B 108 11.28 -17.37 -12.78
C CYS B 108 12.22 -17.50 -13.97
N ALA B 109 11.74 -18.19 -14.99
CA ALA B 109 12.51 -18.37 -16.22
C ALA B 109 11.57 -18.76 -17.35
N TYR B 110 12.11 -18.83 -18.56
CA TYR B 110 11.35 -19.26 -19.72
C TYR B 110 12.30 -19.91 -20.70
N ALA B 111 12.02 -21.17 -21.05
CA ALA B 111 12.92 -21.94 -21.87
C ALA B 111 12.99 -21.38 -23.28
N PRO B 112 14.15 -21.46 -23.93
CA PRO B 112 14.27 -20.87 -25.27
C PRO B 112 13.48 -21.60 -26.33
N SER B 113 12.87 -22.73 -26.01
CA SER B 113 12.11 -23.49 -26.99
C SER B 113 10.60 -23.46 -26.72
N GLY B 114 10.16 -22.85 -25.63
CA GLY B 114 8.75 -22.76 -25.32
C GLY B 114 8.15 -23.99 -24.70
N ASN B 115 8.95 -24.94 -24.23
CA ASN B 115 8.43 -26.18 -23.69
C ASN B 115 8.45 -26.23 -22.16
N TYR B 116 9.36 -25.52 -21.49
CA TYR B 116 9.56 -25.68 -20.07
C TYR B 116 9.52 -24.34 -19.35
N VAL B 117 9.25 -24.39 -18.05
CA VAL B 117 9.45 -23.25 -17.17
C VAL B 117 10.13 -23.74 -15.89
N ALA B 118 10.66 -22.80 -15.12
CA ALA B 118 11.41 -23.13 -13.92
C ALA B 118 11.13 -22.11 -12.83
N CYS B 119 11.26 -22.54 -11.57
CA CYS B 119 10.96 -21.69 -10.43
C CYS B 119 11.81 -22.09 -9.23
N GLY B 120 11.87 -21.20 -8.25
CA GLY B 120 12.54 -21.49 -6.99
C GLY B 120 12.34 -20.40 -5.97
N GLY B 121 12.57 -20.73 -4.71
CA GLY B 121 12.37 -19.78 -3.63
C GLY B 121 13.08 -20.14 -2.33
N LEU B 122 12.47 -19.81 -1.19
CA LEU B 122 13.04 -20.11 0.13
C LEU B 122 13.04 -21.59 0.46
N ASP B 123 12.33 -22.40 -0.30
CA ASP B 123 12.25 -23.83 -0.02
C ASP B 123 13.54 -24.57 -0.37
N ASN B 124 14.57 -23.85 -0.82
CA ASN B 124 15.90 -24.39 -1.06
C ASN B 124 15.95 -25.36 -2.23
N ILE B 125 14.93 -25.37 -3.08
CA ILE B 125 14.78 -26.35 -4.14
C ILE B 125 14.36 -25.64 -5.42
N CYS B 126 14.78 -26.18 -6.57
CA CYS B 126 14.35 -25.69 -7.88
C CYS B 126 13.31 -26.64 -8.45
N SER B 127 12.29 -26.10 -9.09
CA SER B 127 11.21 -26.89 -9.65
C SER B 127 11.12 -26.63 -11.15
N ILE B 128 11.01 -27.70 -11.93
CA ILE B 128 11.08 -27.63 -13.39
C ILE B 128 9.83 -28.27 -13.97
N TYR B 129 9.03 -27.46 -14.68
CA TYR B 129 7.70 -27.81 -15.13
C TYR B 129 7.66 -27.95 -16.65
N ASN B 130 6.88 -28.92 -17.11
CA ASN B 130 6.70 -29.23 -18.53
C ASN B 130 5.36 -28.63 -18.94
N LEU B 131 5.30 -28.11 -20.18
CA LEU B 131 4.11 -27.41 -20.64
C LEU B 131 3.41 -28.11 -21.79
N LYS B 132 4.13 -28.90 -22.59
CA LYS B 132 3.56 -29.57 -23.76
C LYS B 132 3.41 -31.04 -23.43
N THR B 133 2.19 -31.41 -23.05
CA THR B 133 1.84 -32.79 -22.73
C THR B 133 0.61 -33.21 -23.51
N ARG B 134 0.48 -34.52 -23.74
CA ARG B 134 -0.66 -35.03 -24.49
C ARG B 134 -1.97 -34.84 -23.73
N GLU B 135 -1.94 -34.92 -22.40
CA GLU B 135 -3.16 -34.74 -21.61
C GLU B 135 -3.55 -33.28 -21.46
N GLY B 136 -2.64 -32.35 -21.71
CA GLY B 136 -2.91 -30.94 -21.54
C GLY B 136 -2.82 -30.45 -20.11
N ASN B 137 -2.46 -31.31 -19.16
CA ASN B 137 -2.37 -30.94 -17.76
C ASN B 137 -0.91 -30.73 -17.39
N VAL B 138 -0.60 -29.57 -16.84
CA VAL B 138 0.77 -29.23 -16.48
C VAL B 138 1.11 -29.91 -15.15
N ARG B 139 2.11 -30.80 -15.18
CA ARG B 139 2.53 -31.53 -14.01
C ARG B 139 4.04 -31.43 -13.86
N VAL B 140 4.50 -31.36 -12.62
CA VAL B 140 5.91 -31.13 -12.35
C VAL B 140 6.73 -32.27 -12.96
N SER B 141 7.84 -31.91 -13.60
CA SER B 141 8.72 -32.89 -14.21
C SER B 141 9.93 -33.18 -13.34
N ARG B 142 10.73 -32.17 -13.02
CA ARG B 142 11.95 -32.42 -12.26
C ARG B 142 12.00 -31.51 -11.04
N GLU B 143 12.81 -31.91 -10.07
CA GLU B 143 12.97 -31.19 -8.82
C GLU B 143 14.39 -31.35 -8.33
N LEU B 144 15.11 -30.22 -8.18
CA LEU B 144 16.54 -30.23 -7.92
C LEU B 144 16.82 -29.69 -6.53
N ALA B 145 17.54 -30.47 -5.72
CA ALA B 145 17.89 -30.08 -4.36
C ALA B 145 19.37 -30.33 -4.16
N GLY B 146 19.94 -29.61 -3.19
CA GLY B 146 21.36 -29.70 -2.94
C GLY B 146 21.98 -28.41 -2.48
N HIS B 147 21.22 -27.32 -2.51
CA HIS B 147 21.71 -26.06 -2.01
C HIS B 147 21.49 -25.96 -0.50
N THR B 148 22.08 -24.93 0.11
CA THR B 148 21.90 -24.64 1.53
C THR B 148 21.54 -23.18 1.76
N GLY B 149 20.64 -22.63 0.94
CA GLY B 149 20.23 -21.26 1.11
C GLY B 149 19.26 -20.86 0.03
N TYR B 150 18.63 -19.70 0.22
CA TYR B 150 17.57 -19.30 -0.68
C TYR B 150 18.11 -19.07 -2.08
N LEU B 151 17.30 -19.48 -3.06
CA LEU B 151 17.68 -19.46 -4.47
C LEU B 151 17.19 -18.16 -5.09
N SER B 152 18.08 -17.44 -5.78
CA SER B 152 17.76 -16.08 -6.19
C SER B 152 17.66 -15.86 -7.69
N CYS B 153 18.23 -16.74 -8.52
CA CYS B 153 18.05 -16.60 -9.96
C CYS B 153 18.36 -17.92 -10.65
N CYS B 154 17.78 -18.11 -11.83
CA CYS B 154 17.96 -19.32 -12.61
C CYS B 154 17.62 -19.06 -14.07
N ARG B 155 18.51 -19.47 -14.97
CA ARG B 155 18.32 -19.29 -16.40
C ARG B 155 18.67 -20.57 -17.13
N PHE B 156 18.35 -20.62 -18.42
CA PHE B 156 18.58 -21.80 -19.25
C PHE B 156 19.68 -21.50 -20.27
N LEU B 157 20.38 -22.55 -20.69
CA LEU B 157 21.24 -22.52 -21.86
C LEU B 157 20.64 -23.26 -23.03
N ASP B 158 20.08 -24.43 -22.76
CA ASP B 158 19.32 -25.25 -23.69
C ASP B 158 18.33 -26.06 -22.86
N ASP B 159 17.71 -27.07 -23.48
CA ASP B 159 16.78 -27.90 -22.76
C ASP B 159 17.45 -28.97 -21.91
N ASN B 160 18.74 -28.83 -21.64
CA ASN B 160 19.48 -29.86 -20.91
C ASN B 160 20.38 -29.32 -19.81
N GLN B 161 20.51 -28.01 -19.64
CA GLN B 161 21.36 -27.45 -18.60
C GLN B 161 20.73 -26.21 -17.98
N ILE B 162 20.84 -26.09 -16.66
CA ILE B 162 20.33 -24.92 -15.93
C ILE B 162 21.42 -24.38 -15.02
N VAL B 163 21.66 -23.07 -15.08
CA VAL B 163 22.62 -22.40 -14.22
C VAL B 163 21.86 -21.75 -13.08
N THR B 164 22.38 -21.88 -11.87
CA THR B 164 21.64 -21.50 -10.67
C THR B 164 22.53 -20.77 -9.68
N SER B 165 21.92 -19.83 -8.94
CA SER B 165 22.60 -19.03 -7.94
C SER B 165 21.81 -18.98 -6.64
N SER B 166 22.51 -19.11 -5.52
CA SER B 166 21.90 -19.24 -4.21
C SER B 166 22.53 -18.28 -3.21
N GLY B 167 21.97 -18.29 -2.00
CA GLY B 167 22.40 -17.43 -0.91
C GLY B 167 23.47 -17.99 -0.01
N ASP B 168 24.03 -19.15 -0.33
CA ASP B 168 25.10 -19.76 0.46
C ASP B 168 26.47 -19.41 -0.09
N THR B 169 26.59 -18.33 -0.86
CA THR B 169 27.80 -17.81 -1.49
C THR B 169 28.31 -18.69 -2.63
N THR B 170 27.47 -19.48 -3.29
CA THR B 170 27.92 -20.38 -4.33
C THR B 170 26.97 -20.34 -5.53
N CYS B 171 27.48 -20.77 -6.68
CA CYS B 171 26.69 -20.94 -7.90
C CYS B 171 26.94 -22.34 -8.47
N ALA B 172 26.06 -22.79 -9.35
CA ALA B 172 26.15 -24.17 -9.82
C ALA B 172 25.61 -24.31 -11.23
N LEU B 173 26.02 -25.39 -11.91
CA LEU B 173 25.43 -25.79 -13.17
C LEU B 173 24.86 -27.20 -13.05
N TRP B 174 23.60 -27.37 -13.46
CA TRP B 174 22.87 -28.62 -13.30
C TRP B 174 22.55 -29.22 -14.65
N ASP B 175 22.61 -30.56 -14.72
CA ASP B 175 22.24 -31.32 -15.90
C ASP B 175 20.87 -31.92 -15.63
N ILE B 176 19.91 -31.64 -16.53
CA ILE B 176 18.51 -31.91 -16.24
C ILE B 176 18.26 -33.40 -16.04
N GLU B 177 18.79 -34.22 -16.95
CA GLU B 177 18.41 -35.64 -16.98
C GLU B 177 18.87 -36.40 -15.75
N THR B 178 20.15 -36.29 -15.40
CA THR B 178 20.67 -37.08 -14.29
C THR B 178 20.22 -36.51 -12.95
N GLY B 179 20.02 -35.19 -12.86
CA GLY B 179 19.66 -34.57 -11.61
C GLY B 179 20.83 -34.24 -10.71
N GLN B 180 22.06 -34.28 -11.21
CA GLN B 180 23.25 -34.03 -10.41
C GLN B 180 23.95 -32.77 -10.88
N GLN B 181 24.62 -32.10 -9.94
CA GLN B 181 25.47 -30.97 -10.29
C GLN B 181 26.64 -31.44 -11.13
N THR B 182 26.93 -30.69 -12.19
CA THR B 182 28.08 -30.98 -13.03
C THR B 182 29.29 -30.14 -12.67
N THR B 183 29.10 -28.90 -12.22
CA THR B 183 30.19 -28.07 -11.78
C THR B 183 29.68 -27.05 -10.77
N THR B 184 30.56 -26.67 -9.86
CA THR B 184 30.22 -25.76 -8.77
C THR B 184 31.23 -24.62 -8.71
N PHE B 185 30.71 -23.41 -8.58
CA PHE B 185 31.49 -22.18 -8.59
C PHE B 185 31.48 -21.60 -7.19
N THR B 186 32.66 -21.48 -6.59
CA THR B 186 32.84 -20.91 -5.27
C THR B 186 33.91 -19.83 -5.33
N GLY B 187 33.83 -18.90 -4.39
CA GLY B 187 34.77 -17.78 -4.40
C GLY B 187 34.19 -16.49 -3.90
N HIS B 188 32.86 -16.42 -3.80
CA HIS B 188 32.22 -15.26 -3.23
C HIS B 188 32.23 -15.35 -1.70
N THR B 189 31.92 -14.23 -1.04
CA THR B 189 31.93 -14.16 0.40
C THR B 189 30.58 -13.85 1.03
N GLY B 190 29.61 -13.36 0.25
CA GLY B 190 28.31 -12.99 0.77
C GLY B 190 27.17 -13.52 -0.08
N ASP B 191 26.01 -12.92 0.11
CA ASP B 191 24.79 -13.36 -0.56
C ASP B 191 24.81 -13.01 -2.05
N VAL B 192 24.75 -14.03 -2.89
CA VAL B 192 24.67 -13.84 -4.33
C VAL B 192 23.25 -13.50 -4.72
N MET B 193 23.06 -12.40 -5.46
CA MET B 193 21.73 -11.92 -5.78
C MET B 193 21.41 -11.89 -7.27
N SER B 194 22.35 -11.47 -8.11
CA SER B 194 22.02 -11.20 -9.50
C SER B 194 22.97 -11.94 -10.43
N LEU B 195 22.40 -12.44 -11.52
CA LEU B 195 23.04 -13.32 -12.48
C LEU B 195 22.61 -12.94 -13.88
N SER B 196 23.53 -13.01 -14.84
CA SER B 196 23.15 -12.79 -16.23
C SER B 196 24.02 -13.61 -17.17
N LEU B 197 23.44 -14.05 -18.28
CA LEU B 197 24.09 -14.89 -19.26
C LEU B 197 24.52 -14.09 -20.48
N ALA B 198 25.63 -14.50 -21.07
CA ALA B 198 26.15 -13.84 -22.25
C ALA B 198 25.28 -14.17 -23.47
N PRO B 199 25.17 -13.25 -24.42
CA PRO B 199 24.32 -13.49 -25.59
C PRO B 199 24.76 -14.67 -26.44
N ASP B 200 26.06 -14.98 -26.48
CA ASP B 200 26.54 -16.12 -27.24
C ASP B 200 26.47 -17.42 -26.46
N THR B 201 26.03 -17.37 -25.20
CA THR B 201 25.93 -18.54 -24.34
C THR B 201 27.29 -19.19 -24.14
N ARG B 202 28.25 -18.41 -23.68
CA ARG B 202 29.60 -18.89 -23.42
C ARG B 202 30.12 -18.52 -22.03
N LEU B 203 29.72 -17.38 -21.49
CA LEU B 203 30.17 -16.91 -20.20
C LEU B 203 28.98 -16.34 -19.42
N PHE B 204 29.20 -16.02 -18.15
CA PHE B 204 28.15 -15.31 -17.41
C PHE B 204 28.75 -14.49 -16.28
N VAL B 205 27.90 -13.68 -15.64
CA VAL B 205 28.35 -12.67 -14.69
C VAL B 205 27.45 -12.68 -13.47
N SER B 206 28.06 -12.41 -12.30
CA SER B 206 27.34 -12.51 -11.03
C SER B 206 27.77 -11.42 -10.06
N GLY B 207 26.87 -11.07 -9.15
CA GLY B 207 27.13 -10.06 -8.13
C GLY B 207 26.50 -10.40 -6.79
N ALA B 208 27.28 -10.23 -5.72
CA ALA B 208 27.04 -10.96 -4.47
C ALA B 208 27.20 -10.18 -3.16
N CYS B 209 26.57 -9.00 -3.05
CA CYS B 209 26.38 -8.33 -1.75
C CYS B 209 27.68 -8.11 -0.98
N ASP B 210 28.79 -7.92 -1.69
CA ASP B 210 30.04 -7.51 -1.05
C ASP B 210 30.59 -6.28 -1.73
N ALA B 211 29.75 -5.56 -2.47
CA ALA B 211 30.20 -4.51 -3.38
C ALA B 211 31.24 -5.04 -4.35
N SER B 212 30.94 -6.17 -4.98
CA SER B 212 31.87 -6.80 -5.90
C SER B 212 31.10 -7.51 -6.99
N ALA B 213 31.76 -7.72 -8.13
CA ALA B 213 31.17 -8.46 -9.23
C ALA B 213 32.24 -9.35 -9.84
N LYS B 214 31.82 -10.45 -10.45
CA LYS B 214 32.76 -11.42 -10.99
C LYS B 214 32.28 -11.98 -12.32
N LEU B 215 33.24 -12.36 -13.16
CA LEU B 215 32.97 -13.04 -14.43
C LEU B 215 33.33 -14.51 -14.31
N TRP B 216 32.54 -15.37 -14.92
CA TRP B 216 32.75 -16.82 -14.84
C TRP B 216 32.64 -17.46 -16.22
N ASP B 217 33.51 -18.44 -16.46
CA ASP B 217 33.42 -19.32 -17.61
C ASP B 217 32.65 -20.55 -17.18
N VAL B 218 31.89 -21.14 -18.11
CA VAL B 218 31.01 -22.25 -17.76
C VAL B 218 31.78 -23.56 -17.69
N ARG B 219 32.61 -23.82 -18.70
CA ARG B 219 33.28 -25.12 -18.80
C ARG B 219 34.50 -25.26 -17.89
N GLU B 220 35.05 -24.15 -17.41
CA GLU B 220 36.26 -24.23 -16.59
C GLU B 220 35.96 -24.34 -15.10
N GLY B 221 35.31 -23.33 -14.52
CA GLY B 221 35.00 -23.38 -13.10
C GLY B 221 35.86 -22.48 -12.24
N MET B 222 36.43 -21.43 -12.82
CA MET B 222 37.29 -20.51 -12.08
C MET B 222 37.00 -19.09 -12.53
N CYS B 223 37.30 -18.14 -11.66
CA CYS B 223 37.08 -16.73 -11.95
C CYS B 223 38.01 -16.28 -13.06
N ARG B 224 37.48 -15.47 -13.97
CA ARG B 224 38.30 -14.78 -14.94
C ARG B 224 38.75 -13.40 -14.47
N GLN B 225 37.84 -12.61 -13.90
CA GLN B 225 38.21 -11.29 -13.40
C GLN B 225 37.15 -10.81 -12.43
N THR B 226 37.59 -9.97 -11.49
CA THR B 226 36.77 -9.45 -10.41
C THR B 226 36.83 -7.93 -10.40
N PHE B 227 35.67 -7.29 -10.33
CA PHE B 227 35.56 -5.85 -10.33
C PHE B 227 35.02 -5.38 -8.97
N THR B 228 35.58 -4.28 -8.48
CA THR B 228 35.12 -3.67 -7.25
C THR B 228 34.76 -2.22 -7.52
N GLY B 229 34.12 -1.58 -6.55
CA GLY B 229 33.87 -0.16 -6.69
C GLY B 229 32.58 0.38 -6.11
N HIS B 230 31.66 -0.50 -5.73
CA HIS B 230 30.46 -0.01 -5.07
C HIS B 230 30.68 0.11 -3.56
N GLU B 231 29.68 0.67 -2.88
CA GLU B 231 29.77 0.89 -1.44
C GLU B 231 28.92 -0.09 -0.65
N SER B 232 27.98 -0.77 -1.30
CA SER B 232 27.07 -1.68 -0.61
C SER B 232 26.64 -2.83 -1.50
N ASP B 233 25.52 -3.45 -1.15
CA ASP B 233 25.02 -4.61 -1.87
C ASP B 233 24.75 -4.27 -3.34
N ILE B 234 24.83 -5.30 -4.19
CA ILE B 234 24.51 -5.21 -5.61
C ILE B 234 23.24 -6.00 -5.87
N ASN B 235 22.24 -5.37 -6.50
CA ASN B 235 20.94 -6.03 -6.62
C ASN B 235 20.59 -6.47 -8.03
N ALA B 236 21.06 -5.80 -9.07
CA ALA B 236 20.70 -6.19 -10.42
C ALA B 236 21.93 -6.17 -11.31
N ILE B 237 21.85 -6.91 -12.41
CA ILE B 237 22.95 -6.99 -13.37
C ILE B 237 22.40 -7.34 -14.74
N CYS B 238 23.05 -6.83 -15.79
CA CYS B 238 22.63 -7.12 -17.16
C CYS B 238 23.78 -6.90 -18.13
N PHE B 239 23.72 -7.58 -19.26
CA PHE B 239 24.68 -7.44 -20.35
C PHE B 239 24.30 -6.33 -21.31
N PHE B 240 25.31 -5.61 -21.80
CA PHE B 240 25.18 -4.82 -23.01
C PHE B 240 24.89 -5.75 -24.19
N PRO B 241 24.12 -5.31 -25.18
CA PRO B 241 23.72 -6.22 -26.25
C PRO B 241 24.88 -6.88 -26.99
N ASN B 242 26.01 -6.21 -27.14
CA ASN B 242 27.06 -6.73 -28.02
C ASN B 242 27.92 -7.81 -27.37
N GLY B 243 27.92 -7.91 -26.05
CA GLY B 243 28.67 -8.95 -25.39
C GLY B 243 30.01 -8.53 -24.80
N ASN B 244 30.24 -7.23 -24.59
CA ASN B 244 31.47 -6.79 -23.93
C ASN B 244 31.24 -5.64 -22.95
N ALA B 245 30.12 -5.63 -22.23
CA ALA B 245 29.92 -4.63 -21.18
C ALA B 245 28.75 -5.08 -20.29
N PHE B 246 28.77 -4.60 -19.06
CA PHE B 246 27.65 -4.84 -18.15
C PHE B 246 27.48 -3.68 -17.19
N ALA B 247 26.24 -3.47 -16.78
CA ALA B 247 25.86 -2.30 -16.00
C ALA B 247 25.18 -2.75 -14.71
N THR B 248 25.63 -2.18 -13.60
CA THR B 248 25.28 -2.68 -12.28
C THR B 248 24.53 -1.63 -11.49
N GLY B 249 23.62 -2.12 -10.66
CA GLY B 249 22.86 -1.27 -9.77
C GLY B 249 22.96 -1.75 -8.33
N SER B 250 23.05 -0.78 -7.42
CA SER B 250 23.32 -1.06 -6.02
C SER B 250 22.37 -0.31 -5.09
N ASP B 251 22.60 -0.41 -3.78
CA ASP B 251 21.74 0.20 -2.80
C ASP B 251 22.29 1.52 -2.27
N ASP B 252 23.28 2.08 -2.96
CA ASP B 252 23.80 3.40 -2.66
C ASP B 252 23.32 4.45 -3.66
N ALA B 253 22.24 4.14 -4.38
CA ALA B 253 21.64 5.07 -5.36
C ALA B 253 22.63 5.40 -6.47
N THR B 254 23.11 4.39 -7.17
CA THR B 254 24.07 4.58 -8.25
C THR B 254 23.97 3.45 -9.27
N CYS B 255 24.07 3.80 -10.54
CA CYS B 255 24.31 2.84 -11.61
C CYS B 255 25.74 3.03 -12.09
N ARG B 256 26.35 1.94 -12.52
CA ARG B 256 27.70 2.03 -13.06
C ARG B 256 27.84 1.15 -14.28
N LEU B 257 28.77 1.48 -15.16
CA LEU B 257 29.02 0.68 -16.36
C LEU B 257 30.45 0.19 -16.37
N PHE B 258 30.65 -1.08 -16.72
CA PHE B 258 31.97 -1.66 -16.85
C PHE B 258 32.10 -2.34 -18.21
N ASP B 259 33.32 -2.38 -18.73
CA ASP B 259 33.68 -3.24 -19.83
C ASP B 259 34.44 -4.45 -19.30
N LEU B 260 34.98 -5.26 -20.23
CA LEU B 260 35.66 -6.49 -19.87
C LEU B 260 37.09 -6.54 -20.40
N ARG B 261 37.62 -5.41 -20.88
CA ARG B 261 38.95 -5.40 -21.46
C ARG B 261 39.80 -4.32 -20.82
N ALA B 262 39.14 -3.39 -20.12
CA ALA B 262 39.84 -2.32 -19.41
C ALA B 262 39.74 -2.45 -17.89
N ASP B 263 38.81 -3.25 -17.39
CA ASP B 263 38.72 -3.56 -15.96
C ASP B 263 38.58 -2.31 -15.10
N GLN B 264 37.75 -1.37 -15.53
CA GLN B 264 37.60 -0.14 -14.77
C GLN B 264 36.22 0.46 -15.05
N GLU B 265 35.84 1.38 -14.17
CA GLU B 265 34.57 2.09 -14.32
C GLU B 265 34.64 3.05 -15.50
N LEU B 266 33.54 3.18 -16.23
CA LEU B 266 33.48 4.11 -17.35
C LEU B 266 32.49 5.24 -17.15
N MET B 267 31.22 4.93 -16.91
CA MET B 267 30.24 5.95 -16.54
C MET B 267 29.65 5.61 -15.19
N THR B 268 29.39 6.65 -14.40
CA THR B 268 28.65 6.54 -13.15
C THR B 268 27.42 7.43 -13.23
N TYR B 269 26.24 6.82 -13.19
CA TYR B 269 24.98 7.54 -13.31
C TYR B 269 24.38 7.68 -11.92
N SER B 270 24.15 8.92 -11.49
CA SER B 270 23.61 9.19 -10.17
C SER B 270 23.05 10.61 -10.16
N HIS B 271 22.47 10.98 -9.01
CA HIS B 271 21.90 12.31 -8.84
C HIS B 271 21.86 12.65 -7.36
N ASP B 272 21.93 13.95 -7.06
CA ASP B 272 22.04 14.39 -5.67
C ASP B 272 20.73 14.25 -4.92
N ASN B 273 19.61 14.23 -5.63
CA ASN B 273 18.28 14.18 -5.01
C ASN B 273 17.80 12.76 -4.78
N ILE B 274 18.62 11.75 -5.04
CA ILE B 274 18.23 10.36 -4.89
C ILE B 274 18.99 9.78 -3.69
N ILE B 275 18.26 9.19 -2.76
CA ILE B 275 18.86 8.49 -1.63
C ILE B 275 18.21 7.12 -1.46
N CYS B 276 17.65 6.57 -2.54
CA CYS B 276 16.94 5.31 -2.52
C CYS B 276 17.70 4.26 -3.33
N GLY B 277 17.10 3.08 -3.45
CA GLY B 277 17.78 1.94 -4.04
C GLY B 277 17.39 1.68 -5.49
N ILE B 278 18.00 0.62 -6.02
CA ILE B 278 17.75 0.13 -7.38
C ILE B 278 17.23 -1.30 -7.26
N THR B 279 16.10 -1.58 -7.91
CA THR B 279 15.54 -2.92 -7.81
C THR B 279 15.70 -3.75 -9.07
N SER B 280 15.65 -3.16 -10.25
CA SER B 280 15.89 -3.91 -11.48
C SER B 280 16.49 -2.99 -12.52
N VAL B 281 17.16 -3.60 -13.50
CA VAL B 281 17.88 -2.88 -14.56
C VAL B 281 17.81 -3.71 -15.83
N SER B 282 17.72 -3.05 -16.99
CA SER B 282 17.68 -3.73 -18.28
C SER B 282 18.11 -2.77 -19.38
N PHE B 283 18.37 -3.33 -20.56
CA PHE B 283 18.91 -2.60 -21.70
C PHE B 283 17.95 -2.68 -22.88
N SER B 284 18.24 -1.89 -23.92
CA SER B 284 17.46 -1.91 -25.16
C SER B 284 18.32 -2.43 -26.31
N LYS B 285 17.70 -2.53 -27.50
CA LYS B 285 18.34 -3.30 -28.57
C LYS B 285 19.53 -2.57 -29.16
N SER B 286 19.39 -1.29 -29.47
CA SER B 286 20.50 -0.54 -30.04
C SER B 286 21.60 -0.28 -29.04
N GLY B 287 21.28 -0.25 -27.75
CA GLY B 287 22.24 0.04 -26.73
C GLY B 287 22.20 1.45 -26.19
N ARG B 288 21.17 2.22 -26.53
CA ARG B 288 21.16 3.62 -26.12
C ARG B 288 20.29 3.86 -24.90
N LEU B 289 19.22 3.10 -24.72
CA LEU B 289 18.28 3.34 -23.63
C LEU B 289 18.55 2.37 -22.49
N LEU B 290 18.78 2.91 -21.29
CA LEU B 290 18.95 2.11 -20.09
C LEU B 290 17.81 2.42 -19.14
N LEU B 291 17.04 1.40 -18.78
CA LEU B 291 15.87 1.56 -17.94
C LEU B 291 16.19 1.09 -16.53
N ALA B 292 15.62 1.75 -15.53
CA ALA B 292 15.87 1.37 -14.15
C ALA B 292 14.62 1.61 -13.31
N GLY B 293 14.43 0.76 -12.30
CA GLY B 293 13.30 0.86 -11.39
C GLY B 293 13.75 1.13 -9.97
N TYR B 294 13.08 2.08 -9.31
CA TYR B 294 13.54 2.56 -8.03
C TYR B 294 12.52 2.30 -6.94
N ASP B 295 12.93 2.57 -5.70
CA ASP B 295 12.03 2.49 -4.55
C ASP B 295 11.19 3.74 -4.38
N ASP B 296 11.46 4.81 -5.14
CA ASP B 296 10.65 6.01 -5.14
C ASP B 296 9.35 5.84 -5.89
N PHE B 297 8.97 4.59 -6.18
CA PHE B 297 7.66 4.25 -6.76
C PHE B 297 7.60 4.62 -8.24
N ASN B 298 8.74 4.61 -8.92
CA ASN B 298 8.78 5.02 -10.32
C ASN B 298 9.96 4.39 -11.03
N CYS B 299 10.14 4.75 -12.30
CA CYS B 299 11.24 4.26 -13.12
C CYS B 299 11.84 5.42 -13.89
N ASN B 300 13.12 5.29 -14.22
CA ASN B 300 13.85 6.29 -14.99
C ASN B 300 14.43 5.68 -16.26
N VAL B 301 14.50 6.49 -17.30
CA VAL B 301 15.13 6.13 -18.57
C VAL B 301 16.29 7.06 -18.84
N TRP B 302 17.45 6.47 -19.11
CA TRP B 302 18.74 7.13 -19.22
C TRP B 302 19.39 6.81 -20.56
N ASP B 303 20.39 7.62 -20.92
CA ASP B 303 21.19 7.39 -22.11
C ASP B 303 22.56 6.89 -21.69
N ALA B 304 23.17 6.04 -22.51
CA ALA B 304 24.34 5.30 -22.07
C ALA B 304 25.64 6.07 -22.28
N LEU B 305 25.77 6.78 -23.39
CA LEU B 305 27.04 7.42 -23.73
C LEU B 305 27.14 8.86 -23.26
N LYS B 306 26.16 9.36 -22.51
CA LYS B 306 26.10 10.78 -22.21
C LYS B 306 26.15 11.11 -20.74
N ALA B 307 25.72 10.21 -19.87
CA ALA B 307 25.65 10.45 -18.42
C ALA B 307 24.73 11.61 -18.09
N ASP B 308 23.51 11.55 -18.62
CA ASP B 308 22.47 12.53 -18.32
C ASP B 308 21.14 11.79 -18.26
N ARG B 309 20.08 12.53 -17.99
CA ARG B 309 18.76 11.93 -17.90
C ARG B 309 17.98 12.20 -19.17
N ALA B 310 17.07 11.29 -19.50
CA ALA B 310 16.23 11.45 -20.66
C ALA B 310 14.75 11.49 -20.32
N GLY B 311 14.29 10.66 -19.38
CA GLY B 311 12.86 10.72 -19.08
C GLY B 311 12.49 9.87 -17.89
N VAL B 312 11.21 9.96 -17.52
CA VAL B 312 10.70 9.35 -16.31
C VAL B 312 9.38 8.66 -16.62
N LEU B 313 9.23 7.45 -16.10
CA LEU B 313 7.98 6.70 -16.18
C LEU B 313 7.37 6.60 -14.79
N ALA B 314 6.09 6.92 -14.71
CA ALA B 314 5.37 6.85 -13.44
C ALA B 314 4.08 6.09 -13.65
N GLY B 315 3.42 5.77 -12.56
CA GLY B 315 2.13 5.10 -12.66
C GLY B 315 1.94 3.94 -11.71
N HIS B 316 2.90 3.69 -10.83
CA HIS B 316 2.81 2.59 -9.89
C HIS B 316 2.70 3.10 -8.46
N ASP B 317 1.92 2.37 -7.67
CA ASP B 317 1.63 2.75 -6.29
C ASP B 317 2.51 2.06 -5.27
N ASN B 318 3.56 1.35 -5.71
CA ASN B 318 4.49 0.72 -4.79
C ASN B 318 5.80 0.47 -5.53
N ARG B 319 6.68 -0.28 -4.89
CA ARG B 319 8.02 -0.51 -5.42
C ARG B 319 7.96 -1.27 -6.74
N VAL B 320 8.81 -0.86 -7.68
CA VAL B 320 8.93 -1.58 -8.95
C VAL B 320 9.89 -2.73 -8.76
N SER B 321 9.41 -3.96 -8.95
CA SER B 321 10.16 -5.15 -8.61
C SER B 321 10.71 -5.91 -9.80
N CYS B 322 10.01 -5.93 -10.95
CA CYS B 322 10.51 -6.65 -12.10
C CYS B 322 10.34 -5.82 -13.36
N LEU B 323 11.31 -5.93 -14.27
CA LEU B 323 11.32 -5.15 -15.48
C LEU B 323 11.94 -5.97 -16.61
N GLY B 324 11.49 -5.73 -17.84
CA GLY B 324 12.04 -6.47 -18.96
C GLY B 324 11.72 -5.81 -20.29
N VAL B 325 12.58 -6.06 -21.27
CA VAL B 325 12.46 -5.50 -22.60
C VAL B 325 12.57 -6.63 -23.62
N THR B 326 11.71 -6.61 -24.62
CA THR B 326 11.51 -7.76 -25.48
C THR B 326 12.71 -8.01 -26.38
N ASP B 327 12.62 -9.09 -27.14
CA ASP B 327 13.72 -9.50 -28.02
C ASP B 327 13.64 -8.81 -29.37
N ASP B 328 12.48 -8.36 -29.79
CA ASP B 328 12.35 -7.60 -31.03
C ASP B 328 12.28 -6.09 -30.80
N GLY B 329 12.38 -5.63 -29.56
CA GLY B 329 12.44 -4.23 -29.26
C GLY B 329 11.12 -3.49 -29.32
N MET B 330 10.00 -4.18 -29.22
CA MET B 330 8.72 -3.52 -29.47
C MET B 330 8.09 -2.94 -28.22
N ALA B 331 8.33 -3.51 -27.05
CA ALA B 331 7.63 -3.05 -25.85
C ALA B 331 8.47 -3.31 -24.62
N VAL B 332 8.06 -2.71 -23.50
CA VAL B 332 8.72 -2.88 -22.21
C VAL B 332 7.68 -3.23 -21.17
N ALA B 333 7.96 -4.22 -20.33
CA ALA B 333 7.01 -4.70 -19.35
C ALA B 333 7.52 -4.49 -17.95
N THR B 334 6.59 -4.16 -17.03
CA THR B 334 6.97 -3.85 -15.66
C THR B 334 5.95 -4.44 -14.69
N GLY B 335 6.43 -4.78 -13.50
CA GLY B 335 5.57 -5.32 -12.46
C GLY B 335 6.06 -4.91 -11.09
N SER B 336 5.10 -4.55 -10.24
CA SER B 336 5.36 -3.89 -8.97
C SER B 336 4.51 -4.52 -7.88
N TRP B 337 4.75 -4.11 -6.63
CA TRP B 337 4.15 -4.75 -5.47
C TRP B 337 2.66 -4.52 -5.34
N ASP B 338 2.01 -3.84 -6.28
CA ASP B 338 0.59 -3.60 -6.19
C ASP B 338 -0.25 -4.65 -6.89
N SER B 339 0.38 -5.71 -7.42
CA SER B 339 -0.26 -6.83 -8.11
C SER B 339 -0.80 -6.46 -9.48
N PHE B 340 -0.15 -5.56 -10.21
CA PHE B 340 -0.51 -5.28 -11.59
C PHE B 340 0.73 -5.26 -12.47
N LEU B 341 0.61 -5.83 -13.66
CA LEU B 341 1.61 -5.72 -14.70
C LEU B 341 1.20 -4.68 -15.74
N LYS B 342 2.18 -3.96 -16.28
CA LYS B 342 1.93 -2.91 -17.26
C LYS B 342 2.87 -3.06 -18.44
N ILE B 343 2.40 -2.62 -19.60
CA ILE B 343 3.18 -2.67 -20.84
C ILE B 343 3.25 -1.28 -21.45
N TRP B 344 4.45 -0.88 -21.83
CA TRP B 344 4.74 0.45 -22.35
C TRP B 344 5.30 0.35 -23.76
N ASN B 345 4.83 1.24 -24.63
CA ASN B 345 5.38 1.38 -25.96
C ASN B 345 5.16 2.80 -26.45
N ALA C 12 44.27 -17.06 2.74
CA ALA C 12 45.33 -16.19 2.21
C ALA C 12 45.97 -16.80 0.97
N ARG C 13 46.20 -18.11 0.98
CA ARG C 13 46.75 -18.77 -0.20
C ARG C 13 45.79 -18.68 -1.39
N LYS C 14 44.49 -18.87 -1.14
CA LYS C 14 43.51 -18.74 -2.22
C LYS C 14 43.49 -17.32 -2.77
N LEU C 15 43.55 -16.32 -1.89
CA LEU C 15 43.59 -14.93 -2.34
C LEU C 15 44.85 -14.66 -3.15
N VAL C 16 45.99 -15.20 -2.73
CA VAL C 16 47.23 -15.03 -3.46
C VAL C 16 47.12 -15.65 -4.85
N GLU C 17 46.55 -16.86 -4.93
CA GLU C 17 46.37 -17.50 -6.24
C GLU C 17 45.43 -16.68 -7.13
N GLN C 18 44.34 -16.17 -6.56
CA GLN C 18 43.41 -15.35 -7.34
C GLN C 18 44.10 -14.10 -7.86
N LEU C 19 44.85 -13.41 -7.01
CA LEU C 19 45.54 -12.20 -7.44
C LEU C 19 46.61 -12.52 -8.49
N LYS C 20 47.30 -13.65 -8.34
CA LYS C 20 48.32 -14.03 -9.31
C LYS C 20 47.69 -14.30 -10.67
N MET C 21 46.56 -15.00 -10.72
CA MET C 21 45.94 -15.27 -12.00
C MET C 21 45.31 -14.01 -12.60
N GLU C 22 44.84 -13.10 -11.75
CA GLU C 22 44.26 -11.85 -12.26
C GLU C 22 45.32 -10.87 -12.73
N ALA C 23 46.55 -10.97 -12.22
CA ALA C 23 47.57 -9.97 -12.53
C ALA C 23 47.96 -10.00 -14.00
N ASN C 24 48.10 -11.20 -14.58
CA ASN C 24 48.59 -11.34 -15.95
C ASN C 24 47.40 -11.34 -16.92
N ILE C 25 46.89 -10.14 -17.17
CA ILE C 25 45.79 -9.93 -18.12
C ILE C 25 46.18 -8.82 -19.08
N ASP C 26 46.07 -9.08 -20.38
CA ASP C 26 46.30 -8.04 -21.37
C ASP C 26 45.20 -6.98 -21.28
N ARG C 27 45.61 -5.72 -21.31
CA ARG C 27 44.68 -4.61 -21.17
C ARG C 27 44.90 -3.63 -22.32
N ILE C 28 43.85 -2.89 -22.64
CA ILE C 28 43.86 -1.92 -23.72
C ILE C 28 43.60 -0.54 -23.15
N LYS C 29 43.61 0.45 -24.03
CA LYS C 29 43.30 1.81 -23.63
C LYS C 29 41.79 2.03 -23.64
N VAL C 30 41.35 2.95 -22.77
CA VAL C 30 39.93 3.15 -22.56
C VAL C 30 39.26 3.68 -23.83
N SER C 31 39.94 4.60 -24.53
CA SER C 31 39.34 5.21 -25.71
C SER C 31 38.99 4.17 -26.76
N LYS C 32 39.71 3.05 -26.79
CA LYS C 32 39.35 1.99 -27.72
C LYS C 32 37.98 1.40 -27.40
N ALA C 33 37.74 1.10 -26.12
CA ALA C 33 36.43 0.59 -25.72
C ALA C 33 35.35 1.62 -25.96
N ALA C 34 35.66 2.89 -25.69
CA ALA C 34 34.69 3.95 -25.95
C ALA C 34 34.32 4.00 -27.44
N ALA C 35 35.33 3.90 -28.31
CA ALA C 35 35.07 3.92 -29.74
C ALA C 35 34.23 2.72 -30.15
N ASP C 36 34.52 1.54 -29.61
CA ASP C 36 33.74 0.36 -29.96
C ASP C 36 32.28 0.52 -29.53
N LEU C 37 32.06 1.02 -28.32
CA LEU C 37 30.68 1.19 -27.84
C LEU C 37 29.93 2.22 -28.66
N MET C 38 30.55 3.36 -28.96
CA MET C 38 29.85 4.36 -29.77
C MET C 38 29.61 3.85 -31.18
N ALA C 39 30.53 3.03 -31.70
CA ALA C 39 30.34 2.45 -33.01
C ALA C 39 29.13 1.53 -33.02
N TYR C 40 28.99 0.70 -32.00
CA TYR C 40 27.83 -0.20 -31.96
C TYR C 40 26.55 0.58 -31.75
N CYS C 41 26.61 1.67 -30.98
CA CYS C 41 25.43 2.51 -30.83
C CYS C 41 25.01 3.12 -32.16
N GLU C 42 25.98 3.56 -32.97
CA GLU C 42 25.64 4.20 -34.23
C GLU C 42 25.16 3.21 -35.27
N ALA C 43 25.78 2.02 -35.31
CA ALA C 43 25.51 1.10 -36.40
C ALA C 43 24.05 0.65 -36.43
N HIS C 44 23.46 0.37 -35.28
CA HIS C 44 22.08 -0.06 -35.20
C HIS C 44 21.16 1.03 -34.64
N ALA C 45 21.46 2.29 -34.91
CA ALA C 45 20.63 3.37 -34.39
C ALA C 45 19.22 3.33 -35.01
N LYS C 46 19.12 3.01 -36.29
CA LYS C 46 17.84 3.14 -36.99
C LYS C 46 16.86 2.02 -36.67
N GLU C 47 17.34 0.88 -36.18
CA GLU C 47 16.48 -0.28 -35.99
C GLU C 47 15.86 -0.36 -34.60
N ASP C 48 16.17 0.57 -33.70
CA ASP C 48 15.62 0.53 -32.35
C ASP C 48 14.21 1.11 -32.37
N PRO C 49 13.18 0.34 -32.01
CA PRO C 49 11.82 0.89 -32.03
C PRO C 49 11.49 1.83 -30.89
N LEU C 50 12.48 2.32 -30.13
CA LEU C 50 12.17 3.30 -29.12
C LEU C 50 12.87 4.64 -29.33
N LEU C 51 14.10 4.65 -29.86
CA LEU C 51 14.68 5.93 -30.29
C LEU C 51 13.98 6.48 -31.51
N THR C 52 13.64 5.62 -32.47
CA THR C 52 12.93 6.00 -33.69
C THR C 52 11.57 5.32 -33.64
N PRO C 53 10.53 6.04 -33.24
CA PRO C 53 9.22 5.40 -33.04
C PRO C 53 8.69 4.78 -34.33
N VAL C 54 8.03 3.64 -34.17
CA VAL C 54 7.49 2.91 -35.32
C VAL C 54 6.25 3.62 -35.82
N PRO C 55 6.00 3.66 -37.12
CA PRO C 55 4.71 4.17 -37.61
C PRO C 55 3.55 3.35 -37.04
N ALA C 56 2.42 4.02 -36.80
CA ALA C 56 1.32 3.40 -36.10
C ALA C 56 0.73 2.22 -36.86
N SER C 57 0.94 2.16 -38.17
CA SER C 57 0.34 1.11 -38.98
C SER C 57 0.89 -0.27 -38.65
N GLU C 58 2.20 -0.40 -38.48
CA GLU C 58 2.85 -1.70 -38.29
C GLU C 58 3.11 -2.02 -36.82
N ASN C 59 2.53 -1.25 -35.91
CA ASN C 59 2.75 -1.45 -34.47
C ASN C 59 1.64 -2.32 -33.90
N PRO C 60 1.93 -3.56 -33.50
CA PRO C 60 0.88 -4.39 -32.88
C PRO C 60 0.36 -3.81 -31.58
N PHE C 61 1.13 -2.97 -30.91
CA PHE C 61 0.72 -2.34 -29.66
C PHE C 61 0.04 -1.00 -29.89
N SER D 37 -44.96 31.06 3.33
CA SER D 37 -45.11 30.71 4.74
C SER D 37 -46.12 31.61 5.43
N LEU D 38 -46.07 32.92 5.15
CA LEU D 38 -47.09 33.83 5.61
C LEU D 38 -48.33 33.71 4.71
N ILE D 39 -49.48 33.97 5.30
CA ILE D 39 -50.75 33.80 4.62
C ILE D 39 -51.13 35.10 3.94
N GLY D 40 -51.46 35.03 2.65
CA GLY D 40 -52.00 36.17 1.96
C GLY D 40 -53.44 35.92 1.51
N LYS D 41 -54.33 36.82 1.89
CA LYS D 41 -55.74 36.66 1.63
C LYS D 41 -56.04 37.09 0.20
N VAL D 42 -57.32 37.18 -0.13
CA VAL D 42 -57.72 37.66 -1.44
C VAL D 42 -58.69 38.83 -1.31
N THR D 57 -53.77 38.43 -9.65
CA THR D 57 -54.69 38.72 -8.56
C THR D 57 -53.99 39.52 -7.48
N VAL D 58 -54.68 40.53 -6.94
CA VAL D 58 -54.14 41.37 -5.89
C VAL D 58 -54.32 40.67 -4.55
N PHE D 59 -53.23 40.55 -3.79
CA PHE D 59 -53.24 39.90 -2.48
C PHE D 59 -53.01 40.94 -1.39
N SER D 60 -53.29 40.54 -0.15
CA SER D 60 -53.13 41.41 1.00
C SER D 60 -52.59 40.62 2.18
N VAL D 61 -51.96 41.32 3.12
CA VAL D 61 -51.40 40.73 4.33
C VAL D 61 -51.75 41.60 5.53
N ASP D 62 -51.56 41.03 6.72
CA ASP D 62 -51.96 41.68 7.97
C ASP D 62 -50.83 42.50 8.57
N GLU D 63 -50.99 42.87 9.85
CA GLU D 63 -50.13 43.85 10.47
C GLU D 63 -48.78 43.28 10.91
N PHE D 64 -48.79 42.12 11.56
CA PHE D 64 -47.52 41.51 11.99
C PHE D 64 -46.67 41.16 10.78
N SER D 65 -47.29 40.67 9.72
CA SER D 65 -46.56 40.40 8.49
C SER D 65 -45.94 41.69 7.94
N ALA D 66 -46.70 42.79 8.00
CA ALA D 66 -46.15 44.06 7.53
C ALA D 66 -44.96 44.48 8.38
N SER D 67 -45.05 44.25 9.68
CA SER D 67 -43.94 44.61 10.56
C SER D 67 -42.68 43.82 10.24
N VAL D 68 -42.83 42.52 10.00
CA VAL D 68 -41.65 41.69 9.77
C VAL D 68 -41.07 41.95 8.40
N LEU D 69 -41.92 42.14 7.39
CA LEU D 69 -41.42 42.24 6.02
C LEU D 69 -40.68 43.55 5.77
N THR D 70 -40.84 44.55 6.64
CA THR D 70 -40.15 45.82 6.48
C THR D 70 -39.22 46.13 7.64
N GLY D 71 -38.89 45.14 8.46
CA GLY D 71 -38.10 45.35 9.66
C GLY D 71 -36.61 45.23 9.42
N LYS D 72 -35.87 45.02 10.52
CA LYS D 72 -34.43 44.88 10.49
C LYS D 72 -33.96 43.43 10.62
N LEU D 73 -34.85 42.51 10.99
CA LEU D 73 -34.48 41.10 11.06
C LEU D 73 -34.24 40.53 9.67
N THR D 74 -35.07 40.88 8.70
CA THR D 74 -35.01 40.31 7.37
C THR D 74 -34.40 41.25 6.34
N THR D 75 -33.85 42.38 6.77
CA THR D 75 -33.12 43.25 5.86
C THR D 75 -31.66 43.48 6.26
N VAL D 76 -31.25 43.10 7.47
CA VAL D 76 -29.89 43.31 7.96
C VAL D 76 -29.25 42.02 8.45
N PHE D 77 -29.96 41.28 9.32
CA PHE D 77 -29.36 40.15 10.00
C PHE D 77 -29.03 39.00 9.05
N LEU D 78 -30.04 38.49 8.34
CA LEU D 78 -29.86 37.32 7.49
C LEU D 78 -28.73 37.44 6.46
N PRO D 79 -28.59 38.54 5.71
CA PRO D 79 -27.51 38.59 4.71
C PRO D 79 -26.12 38.43 5.29
N ILE D 80 -25.89 38.89 6.52
CA ILE D 80 -24.60 38.70 7.17
C ILE D 80 -24.30 37.21 7.32
N VAL D 81 -25.26 36.46 7.87
CA VAL D 81 -25.08 35.03 8.07
C VAL D 81 -24.80 34.35 6.74
N TYR D 82 -25.56 34.69 5.71
CA TYR D 82 -25.37 34.02 4.44
C TYR D 82 -24.02 34.35 3.81
N THR D 83 -23.57 35.60 3.89
CA THR D 83 -22.27 35.95 3.34
C THR D 83 -21.15 35.22 4.05
N ILE D 84 -21.20 35.17 5.39
CA ILE D 84 -20.18 34.45 6.14
C ILE D 84 -20.15 32.98 5.76
N VAL D 85 -21.34 32.35 5.71
CA VAL D 85 -21.40 30.94 5.34
C VAL D 85 -20.81 30.74 3.96
N PHE D 86 -21.15 31.61 3.01
CA PHE D 86 -20.67 31.45 1.64
C PHE D 86 -19.15 31.51 1.58
N VAL D 87 -18.56 32.58 2.14
CA VAL D 87 -17.13 32.76 2.01
C VAL D 87 -16.36 31.67 2.75
N VAL D 88 -16.84 31.24 3.91
CA VAL D 88 -16.12 30.20 4.63
C VAL D 88 -16.27 28.85 3.93
N GLY D 89 -17.46 28.53 3.43
CA GLY D 89 -17.76 27.16 3.07
C GLY D 89 -17.45 26.80 1.64
N LEU D 90 -17.44 27.79 0.74
CA LEU D 90 -17.21 27.42 -0.65
C LEU D 90 -15.84 26.76 -0.86
N PRO D 91 -14.72 27.41 -0.49
CA PRO D 91 -13.42 26.79 -0.73
C PRO D 91 -13.21 25.49 0.04
N SER D 92 -13.80 25.35 1.23
CA SER D 92 -13.56 24.16 2.03
C SER D 92 -14.04 22.91 1.31
N ASN D 93 -15.31 22.91 0.88
CA ASN D 93 -15.81 21.77 0.14
C ASN D 93 -15.16 21.67 -1.24
N GLY D 94 -14.76 22.81 -1.82
CA GLY D 94 -14.03 22.73 -3.08
C GLY D 94 -12.74 21.92 -2.95
N MET D 95 -11.96 22.23 -1.92
CA MET D 95 -10.72 21.50 -1.67
C MET D 95 -10.98 20.04 -1.34
N ALA D 96 -11.98 19.77 -0.49
CA ALA D 96 -12.29 18.39 -0.16
C ALA D 96 -12.66 17.59 -1.39
N LEU D 97 -13.47 18.18 -2.28
CA LEU D 97 -13.87 17.47 -3.48
C LEU D 97 -12.69 17.28 -4.42
N TRP D 98 -11.79 18.27 -4.50
CA TRP D 98 -10.58 18.10 -5.30
C TRP D 98 -9.78 16.90 -4.83
N VAL D 99 -9.57 16.80 -3.52
CA VAL D 99 -8.79 15.69 -2.96
C VAL D 99 -9.49 14.37 -3.21
N PHE D 100 -10.82 14.34 -3.04
CA PHE D 100 -11.54 13.07 -3.21
C PHE D 100 -11.64 12.67 -4.67
N LEU D 101 -11.48 13.61 -5.60
CA LEU D 101 -11.63 13.28 -7.01
C LEU D 101 -10.31 12.95 -7.70
N PHE D 102 -9.23 13.67 -7.38
CA PHE D 102 -7.99 13.51 -8.13
C PHE D 102 -6.97 12.58 -7.49
N ARG D 103 -6.52 12.87 -6.27
CA ARG D 103 -5.32 12.26 -5.72
C ARG D 103 -5.59 10.93 -5.01
N THR D 104 -6.82 10.44 -5.04
CA THR D 104 -7.16 9.17 -4.40
C THR D 104 -6.68 8.02 -5.28
N LYS D 105 -5.98 7.07 -4.67
CA LYS D 105 -5.44 5.94 -5.41
C LYS D 105 -6.36 4.72 -5.40
N LYS D 106 -7.04 4.45 -4.29
CA LYS D 106 -7.93 3.31 -4.17
C LYS D 106 -9.27 3.78 -3.62
N LYS D 107 -10.35 3.18 -4.13
CA LYS D 107 -11.70 3.61 -3.79
C LYS D 107 -12.24 2.80 -2.61
N HIS D 108 -11.89 3.26 -1.42
CA HIS D 108 -12.47 2.72 -0.20
C HIS D 108 -13.89 3.27 -0.01
N PRO D 109 -14.78 2.52 0.63
CA PRO D 109 -16.18 2.98 0.75
C PRO D 109 -16.36 4.34 1.42
N ALA D 110 -15.51 4.65 2.41
CA ALA D 110 -15.66 5.91 3.12
C ALA D 110 -15.55 7.10 2.18
N VAL D 111 -14.59 7.04 1.25
CA VAL D 111 -14.46 8.11 0.27
C VAL D 111 -15.70 8.19 -0.61
N ILE D 112 -16.29 7.03 -0.92
CA ILE D 112 -17.48 6.98 -1.76
C ILE D 112 -18.60 7.79 -1.13
N TYR D 113 -18.81 7.62 0.18
CA TYR D 113 -19.89 8.38 0.82
C TYR D 113 -19.49 9.84 1.04
N MET D 114 -18.24 10.09 1.41
CA MET D 114 -17.85 11.45 1.75
C MET D 114 -17.88 12.38 0.54
N ALA D 115 -17.50 11.88 -0.64
CA ALA D 115 -17.56 12.71 -1.83
C ALA D 115 -18.99 13.14 -2.14
N ASN D 116 -19.94 12.22 -2.02
CA ASN D 116 -21.33 12.56 -2.25
C ASN D 116 -21.82 13.59 -1.25
N LEU D 117 -21.45 13.45 0.03
CA LEU D 117 -21.85 14.46 1.01
C LEU D 117 -21.28 15.83 0.68
N ALA D 118 -20.00 15.88 0.28
CA ALA D 118 -19.38 17.16 -0.06
C ALA D 118 -20.06 17.79 -1.27
N LEU D 119 -20.40 16.99 -2.27
CA LEU D 119 -21.11 17.51 -3.44
C LEU D 119 -22.48 18.06 -3.05
N ALA D 120 -23.17 17.37 -2.14
CA ALA D 120 -24.47 17.87 -1.68
C ALA D 120 -24.34 19.27 -1.09
N ASP D 121 -23.36 19.46 -0.20
CA ASP D 121 -23.19 20.80 0.38
C ASP D 121 -22.84 21.83 -0.69
N LEU D 122 -21.96 21.45 -1.63
CA LEU D 122 -21.54 22.39 -2.66
C LEU D 122 -22.72 22.86 -3.50
N LEU D 123 -23.59 21.94 -3.92
CA LEU D 123 -24.75 22.35 -4.70
C LEU D 123 -25.76 23.13 -3.84
N SER D 124 -25.79 22.86 -2.53
CA SER D 124 -26.65 23.66 -1.67
C SER D 124 -26.22 25.12 -1.64
N VAL D 125 -24.91 25.37 -1.71
CA VAL D 125 -24.40 26.72 -1.42
C VAL D 125 -24.18 27.59 -2.65
N ILE D 126 -24.75 27.25 -3.81
CA ILE D 126 -24.40 27.99 -5.03
C ILE D 126 -25.16 29.32 -5.12
N TRP D 127 -26.47 29.28 -5.29
CA TRP D 127 -27.25 30.48 -5.62
C TRP D 127 -27.55 31.37 -4.42
N PHE D 128 -26.70 31.42 -3.41
CA PHE D 128 -26.94 32.37 -2.33
C PHE D 128 -26.87 33.83 -2.73
N PRO D 129 -25.96 34.29 -3.60
CA PRO D 129 -25.91 35.72 -3.91
C PRO D 129 -27.23 36.29 -4.37
N LEU D 130 -28.01 35.53 -5.13
CA LEU D 130 -29.34 35.98 -5.52
C LEU D 130 -30.18 36.25 -4.28
N LYS D 131 -30.05 35.39 -3.27
CA LYS D 131 -30.88 35.55 -2.08
C LYS D 131 -30.44 36.76 -1.25
N ILE D 132 -29.13 37.00 -1.14
CA ILE D 132 -28.70 38.22 -0.44
C ILE D 132 -29.16 39.45 -1.19
N ALA D 133 -29.08 39.43 -2.52
CA ALA D 133 -29.57 40.56 -3.29
C ALA D 133 -31.07 40.79 -3.07
N TYR D 134 -31.84 39.70 -3.04
CA TYR D 134 -33.25 39.80 -2.69
C TYR D 134 -33.45 40.48 -1.34
N HIS D 135 -32.72 40.03 -0.33
CA HIS D 135 -33.01 40.50 1.03
C HIS D 135 -32.53 41.93 1.24
N ILE D 136 -31.50 42.36 0.52
CA ILE D 136 -30.95 43.68 0.80
C ILE D 136 -31.76 44.76 0.10
N HIS D 137 -32.43 44.42 -0.99
CA HIS D 137 -33.21 45.39 -1.75
C HIS D 137 -34.53 45.74 -1.08
N GLY D 138 -34.90 45.04 -0.02
CA GLY D 138 -36.13 45.32 0.70
C GLY D 138 -37.24 44.33 0.47
N ASN D 139 -36.94 43.04 0.42
CA ASN D 139 -37.94 42.01 0.15
C ASN D 139 -38.66 42.27 -1.18
N ASN D 140 -37.94 42.21 -2.29
CA ASN D 140 -38.53 42.44 -3.60
C ASN D 140 -37.73 41.68 -4.64
N TRP D 141 -38.42 41.01 -5.55
CA TRP D 141 -37.79 40.15 -6.54
C TRP D 141 -38.01 40.70 -7.94
N ILE D 142 -36.92 40.93 -8.67
CA ILE D 142 -37.03 41.52 -10.01
C ILE D 142 -36.24 40.71 -11.04
N TYR D 143 -36.08 39.41 -10.80
CA TYR D 143 -35.18 38.60 -11.63
C TYR D 143 -35.89 37.52 -12.44
N GLY D 144 -37.20 37.56 -12.55
CA GLY D 144 -37.91 36.62 -13.38
C GLY D 144 -38.70 35.59 -12.60
N GLU D 145 -38.92 34.44 -13.23
CA GLU D 145 -39.77 33.44 -12.61
C GLU D 145 -39.07 32.09 -12.45
N ALA D 146 -38.22 31.71 -13.39
CA ALA D 146 -37.57 30.41 -13.31
C ALA D 146 -36.64 30.32 -12.11
N LEU D 147 -35.93 31.40 -11.82
CA LEU D 147 -34.94 31.39 -10.75
C LEU D 147 -35.55 31.16 -9.37
N CYS D 148 -36.78 31.61 -9.13
CA CYS D 148 -37.41 31.39 -7.82
C CYS D 148 -37.60 29.89 -7.57
N ASN D 149 -38.12 29.18 -8.58
CA ASN D 149 -38.24 27.74 -8.49
C ASN D 149 -36.89 27.06 -8.32
N VAL D 150 -35.89 27.48 -9.08
CA VAL D 150 -34.57 26.85 -8.97
C VAL D 150 -34.04 26.99 -7.54
N LEU D 151 -34.11 28.21 -6.99
CA LEU D 151 -33.56 28.45 -5.66
C LEU D 151 -34.23 27.59 -4.62
N ILE D 152 -35.57 27.63 -4.55
CA ILE D 152 -36.26 26.86 -3.51
C ILE D 152 -35.94 25.38 -3.63
N GLY D 153 -36.04 24.84 -4.84
CA GLY D 153 -35.87 23.41 -5.01
C GLY D 153 -34.48 22.95 -4.61
N PHE D 154 -33.45 23.65 -5.10
CA PHE D 154 -32.10 23.19 -4.81
C PHE D 154 -31.80 23.28 -3.32
N PHE D 155 -32.19 24.38 -2.68
CA PHE D 155 -32.00 24.52 -1.23
C PHE D 155 -32.54 23.30 -0.49
N TYR D 156 -33.85 23.05 -0.59
CA TYR D 156 -34.43 22.00 0.24
C TYR D 156 -33.91 20.61 -0.12
N GLY D 157 -33.80 20.30 -1.41
CA GLY D 157 -33.33 19.00 -1.81
C GLY D 157 -31.93 18.70 -1.30
N ASN D 158 -31.02 19.67 -1.46
CA ASN D 158 -29.65 19.42 -1.02
C ASN D 158 -29.55 19.28 0.49
N MET D 159 -30.32 20.06 1.25
CA MET D 159 -30.35 19.86 2.69
C MET D 159 -30.69 18.41 3.04
N TYR D 160 -31.77 17.88 2.47
CA TYR D 160 -32.15 16.54 2.91
C TYR D 160 -31.20 15.47 2.39
N CYS D 161 -30.57 15.70 1.23
CA CYS D 161 -29.55 14.75 0.77
C CYS D 161 -28.39 14.67 1.76
N SER D 162 -27.96 15.83 2.27
CA SER D 162 -26.92 15.84 3.30
C SER D 162 -27.32 14.98 4.50
N ILE D 163 -28.56 15.14 4.98
CA ILE D 163 -29.01 14.33 6.11
C ILE D 163 -28.87 12.83 5.82
N LEU D 164 -29.39 12.39 4.67
CA LEU D 164 -29.41 10.96 4.41
C LEU D 164 -28.00 10.39 4.33
N PHE D 165 -27.06 11.15 3.75
CA PHE D 165 -25.71 10.60 3.66
C PHE D 165 -25.04 10.48 5.02
N MET D 166 -25.28 11.44 5.93
CA MET D 166 -24.79 11.27 7.29
C MET D 166 -25.26 9.95 7.89
N THR D 167 -26.55 9.65 7.72
CA THR D 167 -27.08 8.40 8.27
C THR D 167 -26.37 7.17 7.69
N CYS D 168 -26.13 7.17 6.37
CA CYS D 168 -25.47 6.01 5.78
C CYS D 168 -24.08 5.78 6.34
N LEU D 169 -23.30 6.86 6.52
CA LEU D 169 -21.98 6.70 7.14
C LEU D 169 -22.09 6.06 8.52
N SER D 170 -23.04 6.53 9.33
CA SER D 170 -23.19 5.97 10.68
C SER D 170 -23.41 4.46 10.62
N VAL D 171 -24.33 4.01 9.77
CA VAL D 171 -24.63 2.59 9.76
C VAL D 171 -23.43 1.76 9.31
N GLN D 172 -22.69 2.22 8.29
CA GLN D 172 -21.56 1.37 7.90
C GLN D 172 -20.50 1.32 8.99
N ARG D 173 -20.32 2.41 9.74
CA ARG D 173 -19.35 2.36 10.83
C ARG D 173 -19.75 1.33 11.87
N TYR D 174 -21.03 1.27 12.21
CA TYR D 174 -21.48 0.23 13.14
C TYR D 174 -21.18 -1.15 12.59
N TRP D 175 -21.50 -1.36 11.31
CA TRP D 175 -21.39 -2.68 10.72
C TRP D 175 -19.95 -3.17 10.73
N VAL D 176 -18.99 -2.25 10.54
CA VAL D 176 -17.59 -2.66 10.58
C VAL D 176 -17.12 -2.89 12.02
N ILE D 177 -17.32 -1.90 12.91
CA ILE D 177 -16.69 -1.99 14.23
C ILE D 177 -17.31 -3.10 15.07
N VAL D 178 -18.64 -3.16 15.12
CA VAL D 178 -19.27 -4.10 16.05
C VAL D 178 -19.33 -5.49 15.45
N ASN D 179 -18.97 -5.62 14.17
CA ASN D 179 -18.75 -6.92 13.53
C ASN D 179 -17.56 -6.77 12.59
N PRO D 180 -16.35 -7.14 13.03
CA PRO D 180 -15.14 -6.80 12.26
C PRO D 180 -15.08 -7.42 10.86
N MET D 181 -15.82 -8.48 10.59
CA MET D 181 -15.72 -9.17 9.31
C MET D 181 -16.46 -8.42 8.21
N GLY D 182 -15.81 -8.32 7.06
CA GLY D 182 -16.41 -7.63 5.93
C GLY D 182 -15.52 -7.74 4.70
N HIS D 183 -16.05 -7.24 3.58
CA HIS D 183 -15.36 -7.28 2.29
C HIS D 183 -15.44 -5.90 1.65
N SER D 184 -14.33 -5.44 1.09
CA SER D 184 -14.27 -4.06 0.57
C SER D 184 -15.01 -3.92 -0.75
N ARG D 185 -14.87 -4.87 -1.68
CA ARG D 185 -15.42 -4.70 -3.02
C ARG D 185 -16.95 -4.77 -3.01
N LYS D 186 -17.50 -5.71 -2.23
CA LYS D 186 -18.95 -5.76 -2.07
C LYS D 186 -19.47 -4.46 -1.46
N LYS D 187 -18.71 -3.87 -0.53
CA LYS D 187 -19.08 -2.59 0.03
C LYS D 187 -19.04 -1.49 -1.04
N ALA D 188 -18.06 -1.54 -1.94
CA ALA D 188 -18.02 -0.55 -3.02
C ALA D 188 -19.23 -0.66 -3.92
N ASN D 189 -19.61 -1.88 -4.29
CA ASN D 189 -20.80 -2.08 -5.11
C ASN D 189 -22.04 -1.57 -4.41
N ILE D 190 -22.21 -1.93 -3.12
CA ILE D 190 -23.41 -1.50 -2.40
C ILE D 190 -23.42 0.01 -2.23
N ALA D 191 -22.24 0.62 -2.02
CA ALA D 191 -22.16 2.06 -1.87
C ALA D 191 -22.61 2.77 -3.14
N ILE D 192 -22.16 2.29 -4.30
CA ILE D 192 -22.55 2.94 -5.54
C ILE D 192 -24.05 2.78 -5.78
N GLY D 193 -24.58 1.58 -5.53
CA GLY D 193 -26.00 1.37 -5.69
C GLY D 193 -26.84 2.27 -4.82
N ILE D 194 -26.46 2.40 -3.54
CA ILE D 194 -27.26 3.20 -2.61
C ILE D 194 -27.10 4.68 -2.91
N SER D 195 -25.92 5.12 -3.37
CA SER D 195 -25.79 6.51 -3.80
C SER D 195 -26.75 6.83 -4.93
N LEU D 196 -26.82 5.95 -5.93
CA LEU D 196 -27.77 6.19 -7.02
C LEU D 196 -29.19 6.21 -6.52
N ALA D 197 -29.56 5.29 -5.63
CA ALA D 197 -30.92 5.24 -5.13
C ALA D 197 -31.28 6.52 -4.39
N ILE D 198 -30.38 7.03 -3.56
CA ILE D 198 -30.66 8.24 -2.79
C ILE D 198 -30.84 9.44 -3.72
N TRP D 199 -29.94 9.61 -4.70
CA TRP D 199 -30.08 10.75 -5.60
C TRP D 199 -31.40 10.67 -6.37
N LEU D 200 -31.74 9.48 -6.87
CA LEU D 200 -32.96 9.35 -7.66
C LEU D 200 -34.19 9.57 -6.82
N LEU D 201 -34.15 9.19 -5.53
CA LEU D 201 -35.26 9.49 -4.65
C LEU D 201 -35.39 11.00 -4.44
N ILE D 202 -34.27 11.70 -4.30
CA ILE D 202 -34.34 13.14 -4.07
C ILE D 202 -34.93 13.84 -5.29
N LEU D 203 -34.53 13.45 -6.49
CA LEU D 203 -35.06 14.13 -7.67
C LEU D 203 -36.52 13.81 -7.93
N LEU D 204 -37.16 13.07 -7.04
CA LEU D 204 -38.56 12.69 -7.20
C LEU D 204 -39.47 13.27 -6.13
N VAL D 205 -38.92 13.87 -5.07
CA VAL D 205 -39.73 14.61 -4.11
C VAL D 205 -39.42 16.10 -4.09
N THR D 206 -38.77 16.64 -5.11
CA THR D 206 -38.69 18.07 -5.32
C THR D 206 -39.49 18.52 -6.54
N ILE D 207 -40.22 17.61 -7.17
CA ILE D 207 -41.11 18.01 -8.26
C ILE D 207 -42.24 18.92 -7.79
N PRO D 208 -42.94 18.65 -6.69
CA PRO D 208 -44.07 19.52 -6.31
C PRO D 208 -43.68 20.96 -6.08
N LEU D 209 -42.41 21.29 -5.94
CA LEU D 209 -42.01 22.69 -5.80
C LEU D 209 -41.80 23.37 -7.14
N TYR D 210 -41.79 22.63 -8.24
CA TYR D 210 -41.65 23.21 -9.57
C TYR D 210 -42.98 23.36 -10.29
N VAL D 211 -44.08 22.96 -9.68
CA VAL D 211 -45.39 23.01 -10.30
C VAL D 211 -46.35 23.92 -9.52
N VAL D 212 -45.82 24.85 -8.74
CA VAL D 212 -46.62 25.84 -8.02
C VAL D 212 -45.97 27.19 -8.20
N LYS D 213 -46.77 28.18 -8.60
CA LYS D 213 -46.26 29.54 -8.75
C LYS D 213 -45.82 30.09 -7.39
N GLN D 214 -44.60 30.63 -7.34
CA GLN D 214 -44.01 31.01 -6.07
C GLN D 214 -43.98 32.50 -5.82
N THR D 215 -44.05 33.34 -6.85
CA THR D 215 -43.97 34.78 -6.69
C THR D 215 -45.37 35.37 -6.60
N ILE D 216 -45.55 36.28 -5.67
CA ILE D 216 -46.84 36.93 -5.44
C ILE D 216 -46.63 38.43 -5.26
N PHE D 217 -47.57 39.22 -5.78
CA PHE D 217 -47.49 40.67 -5.80
C PHE D 217 -48.31 41.28 -4.67
N ILE D 218 -47.71 42.20 -3.93
CA ILE D 218 -48.43 42.98 -2.92
C ILE D 218 -48.32 44.45 -3.28
N PRO D 219 -49.41 45.11 -3.64
CA PRO D 219 -49.34 46.53 -4.00
C PRO D 219 -49.24 47.45 -2.80
N ALA D 220 -49.87 47.10 -1.67
CA ALA D 220 -49.91 48.01 -0.53
C ALA D 220 -48.51 48.43 -0.08
N LEU D 221 -47.54 47.54 -0.23
CA LEU D 221 -46.15 47.84 0.10
C LEU D 221 -45.28 47.99 -1.14
N ASN D 222 -45.81 47.70 -2.32
CA ASN D 222 -45.04 47.67 -3.56
C ASN D 222 -43.90 46.66 -3.48
N ILE D 223 -44.25 45.39 -3.37
CA ILE D 223 -43.25 44.33 -3.29
C ILE D 223 -43.70 43.12 -4.09
N THR D 224 -42.72 42.31 -4.50
CA THR D 224 -42.93 41.01 -5.12
C THR D 224 -42.14 39.97 -4.35
N THR D 225 -42.76 38.85 -4.02
CA THR D 225 -42.20 37.93 -3.03
C THR D 225 -42.04 36.51 -3.57
N CYS D 226 -40.89 35.93 -3.24
CA CYS D 226 -40.43 34.57 -3.55
C CYS D 226 -40.49 33.71 -2.29
N HIS D 227 -41.58 32.97 -2.12
CA HIS D 227 -41.78 31.93 -1.11
C HIS D 227 -42.02 32.46 0.29
N ASP D 228 -42.12 33.76 0.51
CA ASP D 228 -42.45 34.22 1.84
C ASP D 228 -43.94 34.45 2.03
N VAL D 229 -44.67 34.70 0.95
CA VAL D 229 -46.12 34.89 1.02
C VAL D 229 -46.76 33.88 0.08
N LEU D 230 -47.81 33.22 0.54
CA LEU D 230 -48.50 32.28 -0.32
C LEU D 230 -50.01 32.31 -0.06
N PRO D 231 -50.80 31.84 -1.02
CA PRO D 231 -52.26 31.88 -0.86
C PRO D 231 -52.75 30.96 0.24
N GLU D 232 -53.95 31.26 0.75
CA GLU D 232 -54.52 30.44 1.81
C GLU D 232 -55.05 29.12 1.28
N GLN D 233 -55.58 29.12 0.04
CA GLN D 233 -56.16 27.90 -0.51
C GLN D 233 -55.11 26.88 -0.92
N LEU D 234 -53.84 27.06 -0.54
CA LEU D 234 -52.79 26.09 -0.82
C LEU D 234 -52.01 25.71 0.44
N LEU D 235 -51.84 26.64 1.39
CA LEU D 235 -51.20 26.30 2.65
C LEU D 235 -52.00 25.29 3.44
N VAL D 236 -53.33 25.43 3.47
CA VAL D 236 -54.16 24.51 4.22
C VAL D 236 -54.33 23.17 3.52
N GLY D 237 -53.89 23.06 2.27
CA GLY D 237 -54.14 21.87 1.49
C GLY D 237 -52.92 21.06 1.16
N ASP D 238 -52.43 21.20 -0.07
CA ASP D 238 -51.36 20.34 -0.55
C ASP D 238 -50.07 20.54 0.25
N MET D 239 -49.68 21.78 0.51
CA MET D 239 -48.40 22.05 1.12
C MET D 239 -48.32 21.54 2.56
N PHE D 240 -49.42 21.60 3.31
CA PHE D 240 -49.45 21.02 4.64
C PHE D 240 -49.04 19.56 4.59
N ASN D 241 -49.67 18.80 3.71
CA ASN D 241 -49.35 17.38 3.56
C ASN D 241 -47.89 17.19 3.16
N TYR D 242 -47.43 17.94 2.16
CA TYR D 242 -46.07 17.74 1.66
C TYR D 242 -45.04 18.01 2.75
N PHE D 243 -45.23 19.09 3.52
CA PHE D 243 -44.20 19.48 4.46
C PHE D 243 -44.20 18.61 5.71
N LEU D 244 -45.37 18.21 6.21
CA LEU D 244 -45.32 17.24 7.29
C LEU D 244 -44.77 15.90 6.82
N SER D 245 -45.04 15.52 5.58
CA SER D 245 -44.49 14.27 5.05
C SER D 245 -42.97 14.32 5.02
N LEU D 246 -42.39 15.44 4.57
CA LEU D 246 -40.94 15.54 4.60
C LEU D 246 -40.41 15.56 6.03
N ALA D 247 -41.08 16.30 6.93
CA ALA D 247 -40.53 16.49 8.26
C ALA D 247 -40.54 15.21 9.08
N ILE D 248 -41.54 14.36 8.91
CA ILE D 248 -41.62 13.10 9.65
C ILE D 248 -41.03 11.94 8.86
N GLY D 249 -40.82 12.13 7.55
CA GLY D 249 -40.35 11.04 6.73
C GLY D 249 -38.84 10.98 6.59
N VAL D 250 -38.19 12.12 6.39
CA VAL D 250 -36.76 12.11 6.15
C VAL D 250 -35.99 12.81 7.27
N PHE D 251 -36.57 12.93 8.47
CA PHE D 251 -35.76 13.28 9.62
C PHE D 251 -35.83 12.27 10.78
N LEU D 252 -37.04 11.91 11.21
CA LEU D 252 -37.16 11.12 12.44
C LEU D 252 -36.58 9.73 12.31
N PHE D 253 -36.97 8.99 11.27
CA PHE D 253 -36.48 7.62 11.12
C PHE D 253 -34.96 7.56 10.98
N PRO D 254 -34.32 8.37 10.13
CA PRO D 254 -32.85 8.38 10.13
C PRO D 254 -32.26 8.82 11.46
N ALA D 255 -32.93 9.70 12.19
CA ALA D 255 -32.41 10.11 13.50
C ALA D 255 -32.37 8.93 14.46
N PHE D 256 -33.43 8.14 14.51
CA PHE D 256 -33.42 6.95 15.36
C PHE D 256 -32.32 5.99 14.93
N LEU D 257 -32.20 5.73 13.62
CA LEU D 257 -31.14 4.83 13.17
C LEU D 257 -29.77 5.29 13.62
N THR D 258 -29.44 6.55 13.34
CA THR D 258 -28.09 7.06 13.63
C THR D 258 -27.81 7.05 15.14
N ALA D 259 -28.77 7.55 15.93
CA ALA D 259 -28.56 7.61 17.36
C ALA D 259 -28.36 6.22 17.96
N SER D 260 -29.19 5.25 17.53
CA SER D 260 -29.04 3.90 18.03
C SER D 260 -27.67 3.33 17.68
N ALA D 261 -27.24 3.51 16.43
CA ALA D 261 -25.95 2.96 16.03
C ALA D 261 -24.81 3.53 16.86
N TYR D 262 -24.77 4.85 17.02
CA TYR D 262 -23.66 5.42 17.77
C TYR D 262 -23.70 5.06 19.25
N VAL D 263 -24.88 5.02 19.88
CA VAL D 263 -24.95 4.64 21.28
C VAL D 263 -24.45 3.21 21.48
N LEU D 264 -24.88 2.28 20.63
CA LEU D 264 -24.41 0.90 20.77
C LEU D 264 -22.90 0.80 20.57
N MET D 265 -22.37 1.56 19.61
CA MET D 265 -20.93 1.54 19.39
C MET D 265 -20.15 1.99 20.61
N ILE D 266 -20.60 3.08 21.25
CA ILE D 266 -19.91 3.55 22.46
C ILE D 266 -19.99 2.50 23.57
N ARG D 267 -21.19 1.94 23.78
CA ARG D 267 -21.34 0.98 24.87
C ARG D 267 -20.49 -0.25 24.66
N MET D 268 -20.24 -0.62 23.40
CA MET D 268 -19.36 -1.76 23.14
C MET D 268 -17.90 -1.37 23.30
N LEU D 269 -17.52 -0.14 22.94
CA LEU D 269 -16.13 0.26 23.08
C LEU D 269 -15.72 0.53 24.51
N ARG D 270 -16.65 0.67 25.45
CA ARG D 270 -16.26 0.79 26.85
C ARG D 270 -16.52 -0.48 27.66
N SER D 271 -16.68 -1.63 27.02
CA SER D 271 -16.98 -2.85 27.74
C SER D 271 -15.77 -3.32 28.53
N SER D 272 -16.02 -4.16 29.52
CA SER D 272 -14.95 -4.78 30.30
C SER D 272 -14.61 -6.16 29.73
N ALA D 273 -14.44 -6.21 28.41
CA ALA D 273 -14.04 -7.42 27.73
C ALA D 273 -13.06 -7.09 26.62
N MET D 274 -12.31 -6.01 26.78
CA MET D 274 -11.40 -5.57 25.75
C MET D 274 -10.01 -5.41 26.33
N ASP D 275 -9.00 -5.47 25.44
CA ASP D 275 -7.62 -5.51 25.88
C ASP D 275 -7.20 -4.16 26.44
N GLU D 276 -6.43 -4.20 27.52
CA GLU D 276 -6.11 -2.98 28.26
C GLU D 276 -4.88 -2.27 27.74
N ASN D 277 -4.28 -2.75 26.66
CA ASN D 277 -3.12 -2.11 26.06
C ASN D 277 -3.49 -1.15 24.94
N SER D 278 -4.74 -0.67 24.89
CA SER D 278 -5.22 0.15 23.79
C SER D 278 -5.99 1.38 24.25
N GLU D 279 -6.09 1.62 25.56
CA GLU D 279 -7.01 2.63 26.08
C GLU D 279 -6.82 3.98 25.39
N LYS D 280 -5.58 4.45 25.30
CA LYS D 280 -5.35 5.80 24.81
C LYS D 280 -5.95 6.02 23.43
N LYS D 281 -6.08 4.96 22.63
CA LYS D 281 -6.76 5.13 21.36
C LYS D 281 -8.26 5.10 21.53
N ARG D 282 -8.79 4.07 22.19
CA ARG D 282 -10.24 3.90 22.24
C ARG D 282 -10.91 5.12 22.84
N LYS D 283 -10.35 5.66 23.93
CA LYS D 283 -10.92 6.83 24.56
C LYS D 283 -11.07 7.97 23.56
N ARG D 284 -10.04 8.24 22.78
CA ARG D 284 -10.13 9.28 21.76
C ARG D 284 -11.34 9.06 20.87
N ALA D 285 -11.52 7.83 20.40
CA ALA D 285 -12.65 7.55 19.52
C ALA D 285 -13.95 8.02 20.14
N ILE D 286 -14.16 7.71 21.42
CA ILE D 286 -15.43 8.08 22.05
C ILE D 286 -15.70 9.55 21.85
N LYS D 287 -14.70 10.39 22.12
CA LYS D 287 -14.90 11.82 22.01
C LYS D 287 -15.46 12.19 20.65
N LEU D 288 -14.80 11.74 19.57
CA LEU D 288 -15.27 12.13 18.25
C LEU D 288 -16.73 11.75 18.03
N ILE D 289 -17.11 10.53 18.43
CA ILE D 289 -18.49 10.10 18.22
C ILE D 289 -19.45 11.09 18.84
N VAL D 290 -19.20 11.46 20.11
CA VAL D 290 -20.12 12.36 20.78
C VAL D 290 -20.25 13.65 19.99
N THR D 291 -19.11 14.22 19.56
CA THR D 291 -19.14 15.47 18.81
C THR D 291 -20.09 15.38 17.62
N VAL D 292 -20.01 14.28 16.87
CA VAL D 292 -20.83 14.16 15.67
C VAL D 292 -22.31 14.18 16.02
N LEU D 293 -22.71 13.42 17.04
CA LEU D 293 -24.10 13.47 17.46
C LEU D 293 -24.50 14.87 17.82
N ALA D 294 -23.61 15.61 18.46
CA ALA D 294 -23.92 16.98 18.87
C ALA D 294 -24.20 17.86 17.65
N MET D 295 -23.45 17.68 16.56
CA MET D 295 -23.65 18.53 15.40
C MET D 295 -24.81 18.05 14.56
N TYR D 296 -25.48 16.98 14.99
CA TYR D 296 -26.60 16.44 14.22
C TYR D 296 -27.93 16.87 14.82
N LEU D 297 -28.12 16.62 16.11
CA LEU D 297 -29.40 16.90 16.73
C LEU D 297 -29.61 18.38 16.99
N ILE D 298 -28.55 19.11 17.35
CA ILE D 298 -28.70 20.53 17.65
C ILE D 298 -29.03 21.33 16.40
N CYS D 299 -28.38 21.03 15.28
CA CYS D 299 -28.54 21.81 14.07
C CYS D 299 -29.73 21.42 13.21
N PHE D 300 -30.48 20.39 13.59
CA PHE D 300 -31.58 19.94 12.75
C PHE D 300 -32.91 19.77 13.45
N THR D 301 -32.93 19.41 14.73
CA THR D 301 -34.20 19.22 15.43
C THR D 301 -35.04 20.49 15.52
N PRO D 302 -34.50 21.66 15.90
CA PRO D 302 -35.37 22.84 16.03
C PRO D 302 -36.12 23.22 14.77
N SER D 303 -35.46 23.11 13.61
CA SER D 303 -36.10 23.51 12.37
C SER D 303 -37.33 22.67 12.07
N ASN D 304 -37.19 21.35 12.11
CA ASN D 304 -38.32 20.48 11.84
C ASN D 304 -39.42 20.62 12.88
N LEU D 305 -39.05 20.73 14.16
CA LEU D 305 -40.08 20.93 15.18
C LEU D 305 -40.90 22.19 14.92
N LEU D 306 -40.23 23.33 14.72
CA LEU D 306 -40.97 24.56 14.51
C LEU D 306 -41.74 24.55 13.21
N LEU D 307 -41.26 23.82 12.19
CA LEU D 307 -42.02 23.66 10.97
C LEU D 307 -43.35 22.99 11.23
N VAL D 308 -43.32 21.88 11.96
CA VAL D 308 -44.56 21.17 12.26
C VAL D 308 -45.49 22.06 13.08
N VAL D 309 -44.95 22.77 14.06
CA VAL D 309 -45.78 23.62 14.91
C VAL D 309 -46.44 24.73 14.10
N HIS D 310 -45.67 25.39 13.22
CA HIS D 310 -46.19 26.44 12.37
C HIS D 310 -47.36 25.95 11.53
N TYR D 311 -47.17 24.84 10.83
CA TYR D 311 -48.24 24.39 9.95
C TYR D 311 -49.43 23.90 10.76
N PHE D 312 -49.21 23.38 11.97
CA PHE D 312 -50.33 22.99 12.81
C PHE D 312 -51.15 24.20 13.21
N LEU D 313 -50.49 25.30 13.58
CA LEU D 313 -51.23 26.50 13.92
C LEU D 313 -52.03 27.02 12.72
N ILE D 314 -51.44 26.98 11.53
CA ILE D 314 -52.19 27.49 10.37
C ILE D 314 -53.40 26.62 10.07
N LYS D 315 -53.23 25.31 10.00
CA LYS D 315 -54.36 24.49 9.57
C LYS D 315 -55.31 24.18 10.72
N SER D 316 -54.96 24.55 11.94
CA SER D 316 -55.84 24.27 13.06
C SER D 316 -56.70 25.48 13.43
N GLN D 317 -56.09 26.67 13.47
CA GLN D 317 -56.78 27.86 13.92
C GLN D 317 -56.93 28.93 12.85
N GLY D 318 -55.84 29.37 12.23
CA GLY D 318 -55.93 30.38 11.19
C GLY D 318 -55.13 31.63 11.43
N GLN D 319 -54.04 31.56 12.20
CA GLN D 319 -53.18 32.69 12.44
C GLN D 319 -51.73 32.26 12.25
N SER D 320 -50.81 33.21 12.38
CA SER D 320 -49.40 32.95 12.14
C SER D 320 -48.57 34.01 12.86
N HIS D 321 -47.89 33.60 13.93
CA HIS D 321 -47.00 34.52 14.65
C HIS D 321 -45.72 33.83 15.10
N VAL D 322 -45.27 32.81 14.37
CA VAL D 322 -44.09 32.05 14.74
C VAL D 322 -43.04 32.06 13.64
N TYR D 323 -43.08 33.05 12.75
CA TYR D 323 -42.23 33.02 11.57
C TYR D 323 -40.78 33.38 11.89
N ALA D 324 -40.59 34.33 12.81
CA ALA D 324 -39.23 34.79 13.11
C ALA D 324 -38.39 33.68 13.70
N LEU D 325 -38.97 32.90 14.60
CA LEU D 325 -38.25 31.76 15.18
C LEU D 325 -37.84 30.77 14.11
N TYR D 326 -38.70 30.56 13.10
CA TYR D 326 -38.35 29.63 12.05
C TYR D 326 -37.21 30.16 11.19
N ILE D 327 -37.21 31.45 10.88
CA ILE D 327 -36.10 32.03 10.14
C ILE D 327 -34.79 31.81 10.90
N VAL D 328 -34.80 32.05 12.21
CA VAL D 328 -33.56 31.92 12.98
C VAL D 328 -33.11 30.47 13.07
N ALA D 329 -34.04 29.54 13.30
CA ALA D 329 -33.67 28.13 13.35
C ALA D 329 -33.11 27.65 12.02
N LEU D 330 -33.66 28.15 10.90
CA LEU D 330 -33.14 27.79 9.60
C LEU D 330 -31.75 28.37 9.38
N CYS D 331 -31.51 29.59 9.88
CA CYS D 331 -30.15 30.13 9.91
C CYS D 331 -29.21 29.18 10.61
N LEU D 332 -29.64 28.64 11.74
CA LEU D 332 -28.79 27.69 12.46
C LEU D 332 -28.56 26.43 11.65
N SER D 333 -29.59 25.93 10.97
CA SER D 333 -29.46 24.71 10.20
C SER D 333 -28.50 24.86 9.03
N THR D 334 -28.42 26.06 8.44
CA THR D 334 -27.59 26.16 7.25
C THR D 334 -26.09 26.27 7.56
N LEU D 335 -25.67 26.20 8.83
CA LEU D 335 -24.25 26.29 9.16
C LEU D 335 -23.50 24.99 8.98
N ASN D 336 -24.19 23.87 8.79
CA ASN D 336 -23.48 22.60 8.66
C ASN D 336 -22.76 22.48 7.34
N SER D 337 -22.99 23.41 6.40
CA SER D 337 -22.20 23.43 5.19
C SER D 337 -20.77 23.89 5.44
N CYS D 338 -20.48 24.40 6.63
CA CYS D 338 -19.15 24.87 7.00
C CYS D 338 -18.53 24.08 8.14
N ILE D 339 -19.32 23.37 8.94
CA ILE D 339 -18.84 22.63 10.09
C ILE D 339 -18.51 21.17 9.73
N ASP D 340 -19.24 20.61 8.77
CA ASP D 340 -18.99 19.23 8.38
C ASP D 340 -17.55 18.97 7.92
N PRO D 341 -16.95 19.75 7.03
CA PRO D 341 -15.60 19.40 6.57
C PRO D 341 -14.54 19.41 7.66
N PHE D 342 -14.78 20.05 8.80
CA PHE D 342 -13.85 20.07 9.90
C PHE D 342 -14.05 18.92 10.88
N VAL D 343 -15.10 18.11 10.71
CA VAL D 343 -15.38 17.01 11.60
C VAL D 343 -15.31 15.66 10.89
N TYR D 344 -15.74 15.60 9.64
CA TYR D 344 -15.71 14.36 8.89
C TYR D 344 -14.48 14.22 8.00
N TYR D 345 -13.74 15.30 7.75
CA TYR D 345 -12.64 15.26 6.78
C TYR D 345 -11.29 15.63 7.36
N PHE D 346 -11.21 16.65 8.22
CA PHE D 346 -9.91 17.19 8.60
C PHE D 346 -9.36 16.64 9.91
N VAL D 347 -10.19 16.06 10.76
CA VAL D 347 -9.68 15.43 11.99
C VAL D 347 -9.32 14.00 11.62
N SER D 348 -8.13 13.87 11.07
CA SER D 348 -7.53 12.59 10.68
C SER D 348 -6.02 12.84 10.59
N HIS D 349 -5.30 11.92 9.97
CA HIS D 349 -3.87 12.12 9.76
C HIS D 349 -3.50 12.22 8.29
N ASP D 350 -3.83 11.22 7.49
CA ASP D 350 -3.34 11.18 6.11
C ASP D 350 -3.99 12.26 5.25
N PHE D 351 -5.25 12.58 5.53
CA PHE D 351 -5.98 13.54 4.71
C PHE D 351 -5.32 14.91 4.77
N ARG D 352 -4.83 15.30 5.94
CA ARG D 352 -4.16 16.60 6.06
C ARG D 352 -2.88 16.64 5.23
N ASP D 353 -2.10 15.55 5.25
CA ASP D 353 -0.89 15.49 4.44
C ASP D 353 -1.22 15.54 2.96
N HIS D 354 -2.26 14.82 2.52
CA HIS D 354 -2.65 14.87 1.13
C HIS D 354 -3.10 16.28 0.73
N ALA D 355 -3.86 16.95 1.60
CA ALA D 355 -4.31 18.31 1.29
C ALA D 355 -3.12 19.27 1.21
N LYS D 356 -2.15 19.12 2.10
CA LYS D 356 -0.95 19.95 2.04
C LYS D 356 -0.17 19.70 0.76
N ASN D 357 -0.07 18.43 0.35
CA ASN D 357 0.60 18.11 -0.91
C ASN D 357 -0.15 18.68 -2.11
N ALA D 358 -1.48 18.75 -2.02
CA ALA D 358 -2.27 19.30 -3.13
C ALA D 358 -1.95 20.76 -3.37
N LEU D 359 -1.81 21.54 -2.30
CA LEU D 359 -1.51 22.96 -2.43
C LEU D 359 -0.05 23.24 -2.07
#